data_2W0N
#
_entry.id   2W0N
#
_cell.length_a   1.000
_cell.length_b   1.000
_cell.length_c   1.000
_cell.angle_alpha   90.00
_cell.angle_beta   90.00
_cell.angle_gamma   90.00
#
_symmetry.space_group_name_H-M   'P 1'
#
_entity_poly.entity_id   1
_entity_poly.type   'polypeptide(L)'
_entity_poly.pdbx_seq_one_letter_code
;GHMGLEPYEISTLFEQRQAMLQSIKEGVVAVDDRGEVTLINDAAQELLNYRKSQDDEKLSTLSHSWSQVVDVSEVLRDGT
PRRDEEITIKDRLLLINTVPVRSNGVIIGAISTFRDKT
;
_entity_poly.pdbx_strand_id   A
#
# COMPACT_ATOMS: atom_id res chain seq x y z
N GLY A 1 -21.04 9.77 32.76
CA GLY A 1 -21.20 8.34 32.41
C GLY A 1 -22.18 8.12 31.28
N HIS A 2 -23.47 8.10 31.61
CA HIS A 2 -24.52 7.90 30.61
C HIS A 2 -25.56 9.00 30.69
N MET A 3 -25.40 10.04 29.88
CA MET A 3 -26.33 11.16 29.86
C MET A 3 -27.48 10.89 28.90
N GLY A 4 -27.19 10.92 27.60
CA GLY A 4 -28.20 10.68 26.60
C GLY A 4 -27.64 10.69 25.19
N LEU A 5 -27.95 9.65 24.42
CA LEU A 5 -27.47 9.54 23.05
C LEU A 5 -28.45 8.73 22.21
N GLU A 6 -29.55 9.35 21.81
CA GLU A 6 -30.56 8.70 20.99
C GLU A 6 -29.98 8.29 19.64
N PRO A 7 -29.35 9.23 18.91
CA PRO A 7 -28.77 8.96 17.59
C PRO A 7 -27.89 7.71 17.59
N TYR A 8 -27.35 7.36 18.75
CA TYR A 8 -26.51 6.18 18.87
C TYR A 8 -27.20 4.94 18.32
N GLU A 9 -28.52 4.95 18.33
CA GLU A 9 -29.30 3.81 17.83
C GLU A 9 -29.40 3.85 16.31
N ILE A 10 -30.03 4.90 15.79
CA ILE A 10 -30.21 5.04 14.35
C ILE A 10 -28.84 5.19 13.65
N SER A 11 -27.87 5.75 14.36
CA SER A 11 -26.54 5.94 13.81
C SER A 11 -25.66 4.72 14.07
N THR A 12 -26.12 3.56 13.60
CA THR A 12 -25.37 2.32 13.78
C THR A 12 -24.27 2.19 12.74
N LEU A 13 -24.54 2.70 11.54
CA LEU A 13 -23.56 2.65 10.46
C LEU A 13 -22.54 3.79 10.58
N PHE A 14 -22.91 4.84 11.29
CA PHE A 14 -22.03 6.00 11.49
C PHE A 14 -20.64 5.56 11.92
N GLU A 15 -20.58 4.73 12.96
CA GLU A 15 -19.31 4.23 13.48
C GLU A 15 -18.58 3.42 12.41
N GLN A 16 -19.35 2.76 11.55
CA GLN A 16 -18.76 1.95 10.49
C GLN A 16 -18.30 2.83 9.32
N ARG A 17 -19.04 3.90 9.07
CA ARG A 17 -18.70 4.82 7.98
C ARG A 17 -17.33 5.43 8.20
N GLN A 18 -16.99 5.68 9.47
CA GLN A 18 -15.70 6.26 9.81
C GLN A 18 -14.58 5.23 9.70
N ALA A 19 -14.90 3.99 10.04
CA ALA A 19 -13.92 2.90 9.97
C ALA A 19 -13.69 2.47 8.53
N MET A 20 -14.78 2.24 7.81
CA MET A 20 -14.70 1.82 6.41
C MET A 20 -14.08 2.91 5.55
N LEU A 21 -14.38 4.16 5.87
CA LEU A 21 -13.84 5.29 5.12
C LEU A 21 -12.34 5.44 5.35
N GLN A 22 -11.89 5.02 6.53
CA GLN A 22 -10.48 5.10 6.87
C GLN A 22 -9.62 4.36 5.85
N SER A 23 -9.74 3.03 5.85
CA SER A 23 -8.99 2.19 4.93
C SER A 23 -7.49 2.46 5.04
N ILE A 24 -6.72 1.89 4.12
CA ILE A 24 -5.28 2.06 4.12
C ILE A 24 -4.87 3.27 3.28
N LYS A 25 -5.10 3.17 1.97
CA LYS A 25 -4.76 4.25 1.06
C LYS A 25 -3.27 4.60 1.15
N GLU A 26 -2.42 3.57 1.07
CA GLU A 26 -0.98 3.76 1.13
C GLU A 26 -0.37 3.84 -0.26
N GLY A 27 -1.03 4.57 -1.15
CA GLY A 27 -0.54 4.72 -2.51
C GLY A 27 -0.66 3.43 -3.30
N VAL A 28 -1.18 3.54 -4.52
CA VAL A 28 -1.34 2.37 -5.38
C VAL A 28 -0.41 2.44 -6.59
N VAL A 29 0.70 1.71 -6.52
CA VAL A 29 1.68 1.69 -7.60
C VAL A 29 2.09 0.26 -7.93
N ALA A 30 2.17 -0.05 -9.21
CA ALA A 30 2.57 -1.37 -9.66
C ALA A 30 3.98 -1.37 -10.25
N VAL A 31 4.79 -2.33 -9.83
CA VAL A 31 6.16 -2.43 -10.30
C VAL A 31 6.42 -3.81 -10.93
N ASP A 32 6.63 -3.83 -12.24
CA ASP A 32 6.87 -5.07 -12.96
C ASP A 32 8.06 -5.83 -12.36
N ASP A 33 7.77 -6.93 -11.68
CA ASP A 33 8.81 -7.74 -11.06
C ASP A 33 9.62 -6.93 -10.05
N ARG A 34 10.62 -6.20 -10.55
CA ARG A 34 11.46 -5.38 -9.69
C ARG A 34 10.74 -4.08 -9.32
N GLY A 35 11.49 -3.04 -9.01
CA GLY A 35 10.89 -1.77 -8.65
C GLY A 35 10.73 -0.84 -9.85
N GLU A 36 10.38 -1.42 -10.99
CA GLU A 36 10.20 -0.63 -12.22
C GLU A 36 8.95 0.24 -12.11
N VAL A 37 9.14 1.50 -11.73
CA VAL A 37 8.04 2.44 -11.58
C VAL A 37 7.85 3.26 -12.86
N THR A 38 7.02 2.76 -13.76
CA THR A 38 6.75 3.45 -15.02
C THR A 38 5.25 3.49 -15.32
N LEU A 39 4.43 3.15 -14.33
CA LEU A 39 2.98 3.15 -14.50
C LEU A 39 2.28 3.46 -13.17
N ILE A 40 1.54 4.56 -13.14
CA ILE A 40 0.82 4.97 -11.94
C ILE A 40 -0.68 4.86 -12.14
N ASN A 41 -1.41 4.57 -11.06
CA ASN A 41 -2.86 4.45 -11.12
C ASN A 41 -3.52 5.83 -11.09
N ASP A 42 -4.71 5.91 -11.69
CA ASP A 42 -5.45 7.17 -11.73
C ASP A 42 -5.73 7.69 -10.32
N ALA A 43 -5.89 6.77 -9.38
CA ALA A 43 -6.17 7.13 -7.99
C ALA A 43 -4.90 7.57 -7.27
N ALA A 44 -3.78 6.92 -7.60
CA ALA A 44 -2.50 7.26 -6.99
C ALA A 44 -2.07 8.68 -7.34
N GLN A 45 -2.44 9.12 -8.54
CA GLN A 45 -2.09 10.46 -8.99
C GLN A 45 -2.88 11.53 -8.24
N GLU A 46 -4.11 11.17 -7.84
CA GLU A 46 -4.97 12.09 -7.12
C GLU A 46 -4.33 12.51 -5.80
N LEU A 47 -3.63 11.58 -5.15
CA LEU A 47 -2.97 11.86 -3.88
C LEU A 47 -1.95 12.99 -4.03
N LEU A 48 -0.89 12.73 -4.80
CA LEU A 48 0.15 13.71 -5.02
C LEU A 48 -0.38 14.89 -5.85
N ASN A 49 -0.84 14.59 -7.06
CA ASN A 49 -1.38 15.63 -7.94
C ASN A 49 -0.33 16.69 -8.24
N TYR A 50 0.42 16.50 -9.31
CA TYR A 50 1.45 17.45 -9.71
C TYR A 50 1.71 17.39 -11.20
N ARG A 51 2.17 16.23 -11.67
CA ARG A 51 2.46 16.04 -13.08
C ARG A 51 2.07 14.63 -13.53
N LYS A 52 2.03 14.42 -14.84
CA LYS A 52 1.66 13.12 -15.40
C LYS A 52 2.91 12.29 -15.69
N SER A 53 4.03 12.96 -15.92
CA SER A 53 5.28 12.28 -16.22
C SER A 53 6.13 12.12 -14.96
N GLN A 54 6.01 13.09 -14.05
CA GLN A 54 6.77 13.06 -12.80
C GLN A 54 6.25 11.96 -11.88
N ASP A 55 4.93 11.82 -11.82
CA ASP A 55 4.30 10.81 -10.96
C ASP A 55 4.78 9.41 -11.35
N ASP A 56 5.09 9.23 -12.62
CA ASP A 56 5.56 7.94 -13.12
C ASP A 56 6.85 7.52 -12.42
N GLU A 57 7.81 8.43 -12.37
CA GLU A 57 9.10 8.16 -11.72
C GLU A 57 9.18 8.85 -10.36
N LYS A 58 10.36 8.81 -9.76
CA LYS A 58 10.58 9.43 -8.46
C LYS A 58 9.89 8.64 -7.35
N LEU A 59 10.06 7.32 -7.38
CA LEU A 59 9.46 6.45 -6.38
C LEU A 59 10.39 5.29 -6.04
N SER A 60 10.03 4.54 -5.01
CA SER A 60 10.83 3.40 -4.57
C SER A 60 12.23 3.85 -4.15
N THR A 61 12.40 4.08 -2.86
CA THR A 61 13.69 4.51 -2.32
C THR A 61 14.01 3.81 -1.01
N LEU A 62 13.03 3.76 -0.12
CA LEU A 62 13.20 3.11 1.18
C LEU A 62 12.91 1.62 1.09
N SER A 63 13.62 0.94 0.19
CA SER A 63 13.44 -0.50 0.01
C SER A 63 14.25 -1.28 1.03
N HIS A 64 15.32 -0.68 1.52
CA HIS A 64 16.19 -1.32 2.52
C HIS A 64 16.86 -2.55 1.92
N SER A 65 18.20 -2.55 1.93
CA SER A 65 18.96 -3.66 1.39
C SER A 65 19.47 -4.57 2.51
N TRP A 66 19.56 -5.86 2.23
CA TRP A 66 20.04 -6.83 3.21
C TRP A 66 20.81 -7.96 2.53
N SER A 67 21.38 -8.85 3.33
CA SER A 67 22.14 -9.97 2.82
C SER A 67 21.21 -11.03 2.22
N GLN A 68 20.31 -11.55 3.05
CA GLN A 68 19.37 -12.58 2.61
C GLN A 68 18.20 -11.95 1.86
N VAL A 69 18.48 -11.39 0.69
CA VAL A 69 17.45 -10.75 -0.13
C VAL A 69 16.53 -11.79 -0.76
N VAL A 70 17.06 -12.98 -1.00
CA VAL A 70 16.30 -14.06 -1.60
C VAL A 70 15.07 -14.39 -0.76
N ASP A 71 15.16 -14.15 0.54
CA ASP A 71 14.05 -14.43 1.46
C ASP A 71 12.90 -13.47 1.22
N VAL A 72 13.23 -12.26 0.77
CA VAL A 72 12.21 -11.24 0.51
C VAL A 72 11.46 -11.55 -0.79
N SER A 73 12.21 -11.93 -1.83
CA SER A 73 11.61 -12.25 -3.12
C SER A 73 10.58 -13.36 -3.00
N GLU A 74 10.76 -14.22 -2.00
CA GLU A 74 9.84 -15.34 -1.77
C GLU A 74 8.42 -14.83 -1.53
N VAL A 75 8.31 -13.64 -0.93
CA VAL A 75 7.01 -13.05 -0.64
C VAL A 75 6.24 -12.77 -1.93
N LEU A 76 6.90 -12.15 -2.90
CA LEU A 76 6.28 -11.83 -4.17
C LEU A 76 6.14 -13.07 -5.04
N ARG A 77 7.18 -13.89 -5.07
CA ARG A 77 7.18 -15.11 -5.87
C ARG A 77 5.91 -15.91 -5.64
N ASP A 78 5.55 -16.09 -4.37
CA ASP A 78 4.34 -16.82 -4.01
C ASP A 78 3.24 -15.86 -3.57
N GLY A 79 1.99 -16.25 -3.82
CA GLY A 79 0.88 -15.40 -3.43
C GLY A 79 0.69 -15.33 -1.93
N THR A 80 1.66 -14.73 -1.25
CA THR A 80 1.60 -14.60 0.21
C THR A 80 1.68 -13.12 0.63
N PRO A 81 0.88 -12.73 1.63
CA PRO A 81 0.86 -11.34 2.12
C PRO A 81 2.24 -10.85 2.53
N ARG A 82 2.28 -9.70 3.19
CA ARG A 82 3.53 -9.11 3.64
C ARG A 82 3.33 -8.28 4.90
N ARG A 83 4.38 -8.17 5.72
CA ARG A 83 4.32 -7.41 6.95
C ARG A 83 4.90 -6.01 6.76
N ASP A 84 4.41 -5.05 7.53
CA ASP A 84 4.87 -3.68 7.41
C ASP A 84 5.90 -3.32 8.48
N GLU A 85 6.78 -2.39 8.13
CA GLU A 85 7.84 -1.94 9.01
C GLU A 85 7.63 -0.49 9.43
N GLU A 86 8.11 -0.14 10.62
CA GLU A 86 7.98 1.22 11.14
C GLU A 86 9.29 1.97 11.08
N ILE A 87 9.42 2.72 10.01
CA ILE A 87 10.52 3.62 9.83
C ILE A 87 9.80 4.94 9.87
N THR A 88 9.76 5.55 11.03
CA THR A 88 8.98 6.75 11.17
C THR A 88 9.85 7.99 11.30
N ILE A 89 9.73 8.90 10.33
CA ILE A 89 10.50 10.13 10.33
C ILE A 89 10.02 11.08 11.43
N LYS A 90 8.71 11.11 11.64
CA LYS A 90 8.13 11.97 12.66
C LYS A 90 6.79 11.39 13.15
N ASP A 91 6.87 10.26 13.86
CA ASP A 91 5.68 9.60 14.38
C ASP A 91 4.82 9.05 13.25
N ARG A 92 5.42 8.92 12.06
CA ARG A 92 4.70 8.41 10.90
C ARG A 92 5.41 7.16 10.36
N LEU A 93 5.16 6.03 11.01
CA LEU A 93 5.77 4.77 10.63
C LEU A 93 5.72 4.56 9.11
N LEU A 94 6.89 4.33 8.51
CA LEU A 94 6.97 4.11 7.06
C LEU A 94 7.16 2.63 6.77
N LEU A 95 6.25 2.06 6.01
CA LEU A 95 6.32 0.64 5.67
C LEU A 95 6.36 0.45 4.16
N ILE A 96 7.55 0.23 3.63
CA ILE A 96 7.74 0.02 2.19
C ILE A 96 7.90 -1.46 1.89
N ASN A 97 6.82 -2.09 1.45
CA ASN A 97 6.83 -3.52 1.13
C ASN A 97 6.17 -3.80 -0.20
N THR A 98 6.63 -4.86 -0.88
CA THR A 98 6.08 -5.25 -2.17
C THR A 98 5.24 -6.52 -2.05
N VAL A 99 3.93 -6.38 -2.22
CA VAL A 99 3.02 -7.52 -2.12
C VAL A 99 2.47 -7.92 -3.49
N PRO A 100 2.16 -9.21 -3.68
CA PRO A 100 1.63 -9.72 -4.93
C PRO A 100 0.11 -9.84 -4.93
N VAL A 101 -0.52 -9.48 -6.04
CA VAL A 101 -1.97 -9.56 -6.15
C VAL A 101 -2.48 -10.97 -5.92
N ARG A 102 -3.59 -11.09 -5.21
CA ARG A 102 -4.18 -12.39 -4.91
C ARG A 102 -4.59 -13.11 -6.19
N SER A 103 -4.39 -14.43 -6.21
CA SER A 103 -4.74 -15.23 -7.37
C SER A 103 -4.95 -16.70 -6.96
N ASN A 104 -5.07 -17.57 -7.96
CA ASN A 104 -5.27 -18.99 -7.71
C ASN A 104 -4.16 -19.83 -8.34
N GLY A 105 -2.94 -19.32 -8.27
CA GLY A 105 -1.80 -20.02 -8.84
C GLY A 105 -0.65 -19.10 -9.17
N VAL A 106 -0.10 -19.26 -10.37
CA VAL A 106 1.01 -18.44 -10.82
C VAL A 106 0.63 -16.96 -10.84
N ILE A 107 1.50 -16.13 -10.27
CA ILE A 107 1.26 -14.69 -10.22
C ILE A 107 2.46 -13.91 -10.76
N ILE A 108 2.18 -12.94 -11.62
CA ILE A 108 3.22 -12.11 -12.21
C ILE A 108 3.08 -10.66 -11.77
N GLY A 109 4.17 -9.90 -11.85
CA GLY A 109 4.15 -8.51 -11.46
C GLY A 109 4.10 -8.35 -9.95
N ALA A 110 4.41 -7.14 -9.49
CA ALA A 110 4.41 -6.86 -8.06
C ALA A 110 3.95 -5.42 -7.78
N ILE A 111 3.32 -5.23 -6.62
CA ILE A 111 2.83 -3.92 -6.24
C ILE A 111 3.77 -3.25 -5.24
N SER A 112 3.98 -1.95 -5.39
CA SER A 112 4.86 -1.21 -4.50
C SER A 112 4.06 -0.44 -3.46
N THR A 113 4.34 -0.70 -2.18
CA THR A 113 3.65 -0.03 -1.09
C THR A 113 4.52 1.10 -0.51
N PHE A 114 3.96 2.30 -0.51
CA PHE A 114 4.69 3.47 0.00
C PHE A 114 3.79 4.32 0.89
N ARG A 115 4.36 4.88 1.95
CA ARG A 115 3.62 5.73 2.87
C ARG A 115 4.27 7.10 3.00
N ASP A 116 3.72 8.08 2.30
CA ASP A 116 4.25 9.44 2.34
C ASP A 116 3.15 10.45 2.66
N LYS A 117 3.37 11.25 3.70
CA LYS A 117 2.41 12.26 4.11
C LYS A 117 2.71 13.61 3.47
N THR A 118 1.86 14.01 2.54
CA THR A 118 2.05 15.28 1.84
C THR A 118 0.71 15.90 1.46
N GLY A 1 -41.88 -5.92 4.94
CA GLY A 1 -40.72 -6.39 4.13
C GLY A 1 -40.01 -5.26 3.44
N HIS A 2 -40.73 -4.52 2.61
CA HIS A 2 -40.16 -3.39 1.89
C HIS A 2 -39.89 -2.22 2.82
N MET A 3 -38.61 -1.99 3.12
CA MET A 3 -38.21 -0.90 4.00
C MET A 3 -38.83 -1.05 5.38
N GLY A 4 -38.24 -1.93 6.19
CA GLY A 4 -38.76 -2.16 7.53
C GLY A 4 -37.82 -1.64 8.61
N LEU A 5 -37.98 -2.14 9.82
CA LEU A 5 -37.14 -1.72 10.94
C LEU A 5 -36.33 -2.88 11.48
N GLU A 6 -36.07 -3.87 10.62
CA GLU A 6 -35.30 -5.05 11.01
C GLU A 6 -33.81 -4.72 11.09
N PRO A 7 -33.21 -4.27 9.97
CA PRO A 7 -31.79 -3.93 9.90
C PRO A 7 -31.48 -2.61 10.60
N TYR A 8 -32.48 -1.76 10.73
CA TYR A 8 -32.30 -0.46 11.38
C TYR A 8 -31.77 -0.63 12.80
N GLU A 9 -32.20 -1.69 13.47
CA GLU A 9 -31.76 -1.97 14.83
C GLU A 9 -30.26 -2.22 14.87
N ILE A 10 -29.80 -3.21 14.12
CA ILE A 10 -28.39 -3.55 14.07
C ILE A 10 -27.56 -2.41 13.49
N SER A 11 -27.81 -2.11 12.22
CA SER A 11 -27.09 -1.04 11.54
C SER A 11 -25.60 -1.34 11.47
N THR A 12 -25.24 -2.38 10.72
CA THR A 12 -23.85 -2.78 10.57
C THR A 12 -23.05 -1.74 9.78
N LEU A 13 -23.75 -1.04 8.87
CA LEU A 13 -23.11 -0.02 8.06
C LEU A 13 -22.49 1.07 8.92
N PHE A 14 -23.11 1.32 10.08
CA PHE A 14 -22.61 2.34 11.00
C PHE A 14 -21.29 1.90 11.63
N GLU A 15 -21.30 0.74 12.27
CA GLU A 15 -20.09 0.22 12.91
C GLU A 15 -18.99 0.00 11.89
N GLN A 16 -19.37 -0.40 10.68
CA GLN A 16 -18.41 -0.65 9.62
C GLN A 16 -17.66 0.63 9.24
N ARG A 17 -18.27 1.78 9.53
CA ARG A 17 -17.66 3.07 9.23
C ARG A 17 -16.27 3.18 9.85
N GLN A 18 -16.05 2.47 10.95
CA GLN A 18 -14.77 2.49 11.63
C GLN A 18 -13.71 1.76 10.81
N ALA A 19 -14.13 0.73 10.09
CA ALA A 19 -13.23 -0.05 9.26
C ALA A 19 -12.57 0.84 8.19
N MET A 20 -13.27 1.88 7.78
CA MET A 20 -12.76 2.80 6.77
C MET A 20 -11.42 3.39 7.20
N LEU A 21 -11.25 3.54 8.51
CA LEU A 21 -10.01 4.09 9.06
C LEU A 21 -8.90 3.05 9.04
N GLN A 22 -9.26 1.79 9.26
CA GLN A 22 -8.30 0.69 9.27
C GLN A 22 -7.72 0.47 7.87
N SER A 23 -8.54 0.74 6.85
CA SER A 23 -8.11 0.57 5.47
C SER A 23 -6.86 1.40 5.16
N ILE A 24 -6.17 1.06 4.09
CA ILE A 24 -4.96 1.77 3.70
C ILE A 24 -5.30 3.16 3.17
N LYS A 25 -5.96 3.21 2.01
CA LYS A 25 -6.33 4.47 1.40
C LYS A 25 -5.09 5.31 1.08
N GLU A 26 -4.03 4.64 0.68
CA GLU A 26 -2.78 5.32 0.35
C GLU A 26 -2.72 5.66 -1.14
N GLY A 27 -3.69 6.47 -1.59
CA GLY A 27 -3.73 6.85 -2.98
C GLY A 27 -3.86 5.67 -3.91
N VAL A 28 -3.59 5.88 -5.20
CA VAL A 28 -3.68 4.81 -6.19
C VAL A 28 -2.30 4.43 -6.71
N VAL A 29 -1.77 3.33 -6.22
CA VAL A 29 -0.45 2.87 -6.64
C VAL A 29 -0.42 1.34 -6.77
N ALA A 30 -0.25 0.86 -8.00
CA ALA A 30 -0.19 -0.57 -8.26
C ALA A 30 1.04 -0.94 -9.08
N VAL A 31 1.68 -2.04 -8.69
CA VAL A 31 2.88 -2.51 -9.40
C VAL A 31 2.64 -3.85 -10.06
N ASP A 32 3.02 -3.95 -11.33
CA ASP A 32 2.84 -5.18 -12.09
C ASP A 32 3.84 -6.25 -11.65
N ASP A 33 3.59 -6.85 -10.49
CA ASP A 33 4.46 -7.88 -9.94
C ASP A 33 5.85 -7.31 -9.65
N ARG A 34 6.49 -7.83 -8.61
CA ARG A 34 7.82 -7.38 -8.22
C ARG A 34 7.78 -5.94 -7.72
N GLY A 35 7.67 -5.00 -8.65
CA GLY A 35 7.62 -3.60 -8.29
C GLY A 35 7.91 -2.68 -9.46
N GLU A 36 7.01 -2.68 -10.44
CA GLU A 36 7.18 -1.84 -11.62
C GLU A 36 6.13 -0.73 -11.65
N VAL A 37 6.57 0.50 -11.39
CA VAL A 37 5.68 1.65 -11.38
C VAL A 37 5.87 2.50 -12.63
N THR A 38 6.15 1.85 -13.75
CA THR A 38 6.36 2.54 -15.01
C THR A 38 5.11 3.33 -15.43
N LEU A 39 3.95 2.82 -15.05
CA LEU A 39 2.68 3.47 -15.37
C LEU A 39 1.98 3.94 -14.11
N ILE A 40 1.90 5.26 -13.95
CA ILE A 40 1.25 5.85 -12.78
C ILE A 40 -0.14 6.37 -13.12
N ASN A 41 -1.05 6.32 -12.15
CA ASN A 41 -2.41 6.78 -12.35
C ASN A 41 -2.46 8.30 -12.43
N ASP A 42 -3.59 8.84 -12.90
CA ASP A 42 -3.76 10.28 -13.02
C ASP A 42 -3.79 10.94 -11.65
N ALA A 43 -4.84 10.63 -10.88
CA ALA A 43 -4.98 11.20 -9.54
C ALA A 43 -3.80 10.83 -8.65
N ALA A 44 -3.18 9.69 -8.94
CA ALA A 44 -2.04 9.22 -8.17
C ALA A 44 -0.87 10.19 -8.28
N GLN A 45 -0.77 10.86 -9.42
CA GLN A 45 0.31 11.82 -9.65
C GLN A 45 0.11 13.08 -8.82
N GLU A 46 -1.15 13.42 -8.55
CA GLU A 46 -1.48 14.61 -7.76
C GLU A 46 -0.82 14.53 -6.38
N LEU A 47 -0.66 13.31 -5.87
CA LEU A 47 -0.06 13.12 -4.57
C LEU A 47 1.45 13.36 -4.61
N LEU A 48 2.14 12.61 -5.47
CA LEU A 48 3.59 12.75 -5.61
C LEU A 48 3.94 13.92 -6.52
N ASN A 49 3.64 13.77 -7.81
CA ASN A 49 3.93 14.82 -8.79
C ASN A 49 3.54 14.36 -10.20
N TYR A 50 3.79 15.22 -11.18
CA TYR A 50 3.46 14.92 -12.56
C TYR A 50 4.65 15.21 -13.47
N ARG A 51 5.74 14.50 -13.26
CA ARG A 51 6.95 14.69 -14.07
C ARG A 51 7.59 13.34 -14.40
N LYS A 52 8.32 13.30 -15.51
CA LYS A 52 9.00 12.08 -15.93
C LYS A 52 10.05 11.66 -14.91
N SER A 53 10.57 10.45 -15.07
CA SER A 53 11.58 9.92 -14.16
C SER A 53 10.97 9.58 -12.81
N GLN A 54 10.46 10.60 -12.11
CA GLN A 54 9.84 10.41 -10.81
C GLN A 54 8.80 9.29 -10.84
N ASP A 55 7.78 9.47 -11.68
CA ASP A 55 6.72 8.47 -11.81
C ASP A 55 7.25 7.20 -12.48
N ASP A 56 8.15 7.38 -13.45
CA ASP A 56 8.72 6.25 -14.17
C ASP A 56 9.88 5.63 -13.37
N GLU A 57 10.57 4.69 -14.00
CA GLU A 57 11.70 4.01 -13.35
C GLU A 57 11.23 3.19 -12.15
N LYS A 58 12.16 2.48 -11.52
CA LYS A 58 11.84 1.65 -10.37
C LYS A 58 11.27 2.50 -9.24
N LEU A 59 12.15 3.16 -8.49
CA LEU A 59 11.73 4.00 -7.38
C LEU A 59 10.79 3.23 -6.43
N SER A 60 11.34 2.25 -5.74
CA SER A 60 10.55 1.45 -4.81
C SER A 60 11.27 1.32 -3.46
N THR A 61 11.94 2.39 -3.05
CA THR A 61 12.66 2.40 -1.79
C THR A 61 12.94 3.82 -1.32
N LEU A 62 13.20 3.97 -0.03
CA LEU A 62 13.48 5.28 0.55
C LEU A 62 14.72 5.90 -0.10
N SER A 63 15.73 5.07 -0.34
CA SER A 63 16.97 5.54 -0.96
C SER A 63 17.87 4.35 -1.33
N HIS A 64 18.34 3.64 -0.32
CA HIS A 64 19.21 2.49 -0.54
C HIS A 64 18.65 1.25 0.14
N SER A 65 18.83 0.10 -0.49
CA SER A 65 18.35 -1.16 0.05
C SER A 65 18.99 -2.35 -0.66
N TRP A 66 19.97 -2.97 0.00
CA TRP A 66 20.67 -4.11 -0.58
C TRP A 66 21.22 -5.02 0.53
N SER A 67 20.53 -6.13 0.77
CA SER A 67 20.94 -7.08 1.79
C SER A 67 20.21 -8.40 1.62
N GLN A 68 18.89 -8.35 1.54
CA GLN A 68 18.08 -9.55 1.38
C GLN A 68 16.88 -9.27 0.47
N VAL A 69 17.11 -8.52 -0.59
CA VAL A 69 16.07 -8.17 -1.54
C VAL A 69 15.58 -9.41 -2.30
N VAL A 70 16.46 -10.38 -2.48
CA VAL A 70 16.13 -11.61 -3.19
C VAL A 70 15.14 -12.46 -2.39
N ASP A 71 15.24 -12.37 -1.06
CA ASP A 71 14.37 -13.14 -0.18
C ASP A 71 12.96 -12.55 -0.16
N VAL A 72 12.88 -11.24 0.05
CA VAL A 72 11.58 -10.56 0.09
C VAL A 72 10.81 -10.74 -1.21
N SER A 73 11.54 -10.93 -2.30
CA SER A 73 10.93 -11.11 -3.61
C SER A 73 10.03 -12.36 -3.62
N GLU A 74 10.27 -13.27 -2.70
CA GLU A 74 9.48 -14.49 -2.61
C GLU A 74 8.10 -14.21 -1.99
N VAL A 75 8.10 -13.53 -0.85
CA VAL A 75 6.86 -13.22 -0.16
C VAL A 75 5.92 -12.39 -1.04
N LEU A 76 6.50 -11.65 -1.99
CA LEU A 76 5.71 -10.82 -2.88
C LEU A 76 4.94 -11.68 -3.88
N ARG A 77 5.65 -12.57 -4.57
CA ARG A 77 5.02 -13.45 -5.56
C ARG A 77 3.98 -14.34 -4.89
N ASP A 78 4.34 -14.88 -3.73
CA ASP A 78 3.43 -15.76 -3.00
C ASP A 78 2.26 -14.97 -2.42
N GLY A 79 1.28 -15.68 -1.85
CA GLY A 79 0.13 -15.03 -1.28
C GLY A 79 0.27 -14.80 0.22
N THR A 80 1.49 -14.51 0.65
CA THR A 80 1.75 -14.28 2.07
C THR A 80 1.70 -12.79 2.40
N PRO A 81 1.31 -12.43 3.64
CA PRO A 81 1.23 -11.05 4.07
C PRO A 81 2.60 -10.39 4.23
N ARG A 82 2.62 -9.20 4.80
CA ARG A 82 3.87 -8.47 5.00
C ARG A 82 3.77 -7.56 6.24
N ARG A 83 4.91 -7.33 6.88
CA ARG A 83 4.97 -6.48 8.07
C ARG A 83 5.45 -5.08 7.71
N ASP A 84 4.99 -4.09 8.47
CA ASP A 84 5.37 -2.70 8.22
C ASP A 84 6.49 -2.26 9.14
N GLU A 85 7.30 -1.32 8.66
CA GLU A 85 8.43 -0.79 9.41
C GLU A 85 8.21 0.67 9.79
N GLU A 86 8.77 1.08 10.91
CA GLU A 86 8.65 2.45 11.38
C GLU A 86 9.93 3.23 11.18
N ILE A 87 9.96 3.92 10.07
CA ILE A 87 11.02 4.83 9.76
C ILE A 87 10.29 6.13 9.85
N THR A 88 10.38 6.75 11.00
CA THR A 88 9.61 7.94 11.22
C THR A 88 10.49 9.19 11.32
N ILE A 89 10.34 10.07 10.32
CA ILE A 89 11.11 11.29 10.26
C ILE A 89 11.00 12.10 11.55
N LYS A 90 9.80 12.14 12.11
CA LYS A 90 9.56 12.87 13.35
C LYS A 90 9.01 11.95 14.44
N ASP A 91 7.70 11.67 14.38
CA ASP A 91 7.07 10.80 15.35
C ASP A 91 5.92 10.02 14.73
N ARG A 92 5.92 9.91 13.41
CA ARG A 92 4.88 9.17 12.69
C ARG A 92 5.32 7.74 12.44
N LEU A 93 5.74 7.44 11.20
CA LEU A 93 6.20 6.10 10.83
C LEU A 93 6.13 5.90 9.32
N LEU A 94 7.25 5.53 8.70
CA LEU A 94 7.28 5.30 7.25
C LEU A 94 7.50 3.83 6.94
N LEU A 95 6.44 3.13 6.58
CA LEU A 95 6.53 1.71 6.25
C LEU A 95 6.40 1.48 4.76
N ILE A 96 7.54 1.29 4.10
CA ILE A 96 7.58 1.06 2.66
C ILE A 96 7.74 -0.43 2.36
N ASN A 97 6.63 -1.09 2.04
CA ASN A 97 6.65 -2.52 1.74
C ASN A 97 5.54 -2.89 0.75
N THR A 98 5.80 -3.91 -0.06
CA THR A 98 4.83 -4.37 -1.04
C THR A 98 4.17 -5.68 -0.58
N VAL A 99 2.87 -5.79 -0.84
CA VAL A 99 2.13 -7.00 -0.45
C VAL A 99 1.22 -7.47 -1.58
N PRO A 100 1.00 -8.80 -1.66
CA PRO A 100 0.15 -9.40 -2.68
C PRO A 100 -1.26 -9.69 -2.18
N VAL A 101 -2.20 -8.81 -2.51
CA VAL A 101 -3.58 -8.98 -2.09
C VAL A 101 -4.55 -8.53 -3.18
N ARG A 102 -5.85 -8.60 -2.88
CA ARG A 102 -6.88 -8.20 -3.83
C ARG A 102 -6.94 -9.17 -5.01
N SER A 103 -7.04 -10.45 -4.70
CA SER A 103 -7.11 -11.49 -5.74
C SER A 103 -7.70 -12.78 -5.17
N ASN A 104 -8.71 -13.29 -5.86
CA ASN A 104 -9.38 -14.52 -5.43
C ASN A 104 -8.43 -15.72 -5.56
N GLY A 105 -7.81 -15.85 -6.72
CA GLY A 105 -6.90 -16.94 -6.95
C GLY A 105 -5.83 -16.60 -7.97
N VAL A 106 -4.62 -17.13 -7.77
CA VAL A 106 -3.51 -16.89 -8.68
C VAL A 106 -3.21 -15.41 -8.77
N ILE A 107 -2.70 -14.84 -7.68
CA ILE A 107 -2.36 -13.42 -7.64
C ILE A 107 -1.40 -13.05 -8.78
N ILE A 108 -1.89 -12.25 -9.71
CA ILE A 108 -1.09 -11.82 -10.85
C ILE A 108 -0.31 -10.56 -10.53
N GLY A 109 -1.03 -9.47 -10.26
CA GLY A 109 -0.39 -8.21 -9.93
C GLY A 109 -0.10 -8.06 -8.46
N ALA A 110 0.46 -6.92 -8.07
CA ALA A 110 0.79 -6.66 -6.69
C ALA A 110 0.72 -5.17 -6.38
N ILE A 111 0.39 -4.84 -5.14
CA ILE A 111 0.29 -3.45 -4.72
C ILE A 111 1.55 -3.01 -3.98
N SER A 112 2.11 -1.87 -4.37
CA SER A 112 3.31 -1.35 -3.75
C SER A 112 2.98 -0.25 -2.75
N THR A 113 3.56 -0.35 -1.56
CA THR A 113 3.33 0.64 -0.51
C THR A 113 4.59 1.48 -0.26
N PHE A 114 4.59 2.70 -0.78
CA PHE A 114 5.72 3.60 -0.62
C PHE A 114 5.28 5.06 -0.60
N ARG A 115 5.86 5.84 0.30
CA ARG A 115 5.53 7.25 0.43
C ARG A 115 6.79 8.09 0.68
N ASP A 116 7.01 9.08 -0.17
CA ASP A 116 8.18 9.94 -0.04
C ASP A 116 7.78 11.34 0.42
N LYS A 117 8.63 11.96 1.22
CA LYS A 117 8.37 13.31 1.74
C LYS A 117 7.06 13.35 2.50
N THR A 118 6.74 12.25 3.19
CA THR A 118 5.50 12.17 3.96
C THR A 118 5.55 11.00 4.93
N GLY A 1 -29.19 18.52 30.91
CA GLY A 1 -30.51 18.57 30.24
C GLY A 1 -30.45 18.07 28.81
N HIS A 2 -31.51 18.33 28.05
CA HIS A 2 -31.58 17.90 26.65
C HIS A 2 -31.11 16.46 26.48
N MET A 3 -30.89 16.06 25.23
CA MET A 3 -30.43 14.70 24.94
C MET A 3 -29.62 14.66 23.65
N GLY A 4 -28.80 13.64 23.49
CA GLY A 4 -27.98 13.51 22.31
C GLY A 4 -28.79 13.06 21.10
N LEU A 5 -28.10 12.58 20.08
CA LEU A 5 -28.76 12.13 18.86
C LEU A 5 -28.94 10.61 18.86
N GLU A 6 -30.14 10.17 19.20
CA GLU A 6 -30.44 8.74 19.26
C GLU A 6 -30.32 8.10 17.88
N PRO A 7 -30.87 8.74 16.83
CA PRO A 7 -30.80 8.22 15.46
C PRO A 7 -29.40 7.75 15.08
N TYR A 8 -28.40 8.38 15.67
CA TYR A 8 -27.01 8.03 15.39
C TYR A 8 -26.58 6.81 16.19
N GLU A 9 -27.09 6.70 17.42
CA GLU A 9 -26.76 5.58 18.29
C GLU A 9 -27.61 4.36 17.96
N ILE A 10 -28.90 4.59 17.72
CA ILE A 10 -29.82 3.50 17.39
C ILE A 10 -29.34 2.73 16.17
N SER A 11 -28.64 3.40 15.27
CA SER A 11 -28.14 2.77 14.06
C SER A 11 -26.64 2.98 13.92
N THR A 12 -25.88 2.55 14.93
CA THR A 12 -24.43 2.69 14.91
C THR A 12 -23.81 1.86 13.79
N LEU A 13 -24.46 0.75 13.46
CA LEU A 13 -23.97 -0.14 12.41
C LEU A 13 -24.03 0.54 11.05
N PHE A 14 -24.99 1.44 10.88
CA PHE A 14 -25.16 2.17 9.63
C PHE A 14 -23.89 2.93 9.26
N GLU A 15 -23.42 3.77 10.18
CA GLU A 15 -22.22 4.56 9.95
C GLU A 15 -20.99 3.66 9.85
N GLN A 16 -21.04 2.52 10.53
CA GLN A 16 -19.93 1.56 10.51
C GLN A 16 -19.63 1.09 9.08
N ARG A 17 -20.64 1.17 8.21
CA ARG A 17 -20.49 0.76 6.83
C ARG A 17 -19.32 1.48 6.17
N GLN A 18 -19.07 2.71 6.59
CA GLN A 18 -17.98 3.50 6.05
C GLN A 18 -16.63 2.80 6.25
N ALA A 19 -16.54 2.02 7.33
CA ALA A 19 -15.31 1.29 7.63
C ALA A 19 -14.98 0.28 6.55
N MET A 20 -15.89 -0.68 6.35
CA MET A 20 -15.69 -1.72 5.34
C MET A 20 -15.53 -1.10 3.95
N LEU A 21 -16.18 0.03 3.73
CA LEU A 21 -16.13 0.72 2.46
C LEU A 21 -14.73 1.27 2.20
N GLN A 22 -14.05 1.68 3.28
CA GLN A 22 -12.70 2.22 3.17
C GLN A 22 -11.75 1.22 2.55
N SER A 23 -11.63 0.05 3.19
CA SER A 23 -10.75 -1.00 2.72
C SER A 23 -9.30 -0.54 2.73
N ILE A 24 -8.83 -0.09 3.89
CA ILE A 24 -7.46 0.38 4.04
C ILE A 24 -7.23 1.68 3.26
N LYS A 25 -7.25 1.58 1.94
CA LYS A 25 -7.04 2.74 1.08
C LYS A 25 -5.67 3.36 1.35
N GLU A 26 -4.73 2.54 1.78
CA GLU A 26 -3.38 2.99 2.08
C GLU A 26 -2.56 3.17 0.81
N GLY A 27 -2.75 4.32 0.15
CA GLY A 27 -2.03 4.60 -1.07
C GLY A 27 -2.34 3.60 -2.18
N VAL A 28 -2.86 4.11 -3.29
CA VAL A 28 -3.22 3.26 -4.42
C VAL A 28 -2.15 3.31 -5.50
N VAL A 29 -1.28 2.30 -5.52
CA VAL A 29 -0.20 2.24 -6.50
C VAL A 29 0.03 0.80 -6.97
N ALA A 30 0.04 0.61 -8.29
CA ALA A 30 0.23 -0.70 -8.87
C ALA A 30 1.57 -0.77 -9.62
N VAL A 31 2.45 -1.67 -9.19
CA VAL A 31 3.74 -1.84 -9.82
C VAL A 31 3.78 -3.09 -10.69
N ASP A 32 4.60 -3.04 -11.75
CA ASP A 32 4.72 -4.16 -12.67
C ASP A 32 5.88 -5.06 -12.28
N ASP A 33 5.57 -6.24 -11.76
CA ASP A 33 6.57 -7.21 -11.33
C ASP A 33 7.40 -6.67 -10.17
N ARG A 34 8.32 -5.75 -10.46
CA ARG A 34 9.17 -5.18 -9.43
C ARG A 34 8.59 -3.86 -8.91
N GLY A 35 8.81 -2.77 -9.64
CA GLY A 35 8.30 -1.48 -9.23
C GLY A 35 7.83 -0.64 -10.41
N GLU A 36 8.74 0.09 -11.02
CA GLU A 36 8.41 0.94 -12.15
C GLU A 36 7.54 2.12 -11.72
N VAL A 37 6.32 1.82 -11.29
CA VAL A 37 5.39 2.85 -10.83
C VAL A 37 4.94 3.73 -12.00
N THR A 38 4.94 3.16 -13.21
CA THR A 38 4.54 3.89 -14.40
C THR A 38 3.05 4.25 -14.34
N LEU A 39 2.28 3.45 -13.61
CA LEU A 39 0.85 3.68 -13.47
C LEU A 39 0.49 4.07 -12.04
N ILE A 40 0.14 5.33 -11.85
CA ILE A 40 -0.23 5.83 -10.53
C ILE A 40 -1.63 6.44 -10.54
N ASN A 41 -2.36 6.25 -9.45
CA ASN A 41 -3.72 6.78 -9.33
C ASN A 41 -3.69 8.24 -8.89
N ASP A 42 -4.83 8.91 -9.02
CA ASP A 42 -4.94 10.32 -8.65
C ASP A 42 -4.83 10.48 -7.13
N ALA A 43 -5.28 9.47 -6.40
CA ALA A 43 -5.22 9.50 -4.94
C ALA A 43 -3.79 9.53 -4.44
N ALA A 44 -2.92 8.80 -5.13
CA ALA A 44 -1.50 8.74 -4.76
C ALA A 44 -0.74 9.93 -5.31
N GLN A 45 -1.19 10.43 -6.46
CA GLN A 45 -0.55 11.58 -7.10
C GLN A 45 -0.76 12.85 -6.28
N GLU A 46 -2.02 13.16 -5.99
CA GLU A 46 -2.37 14.34 -5.21
C GLU A 46 -1.76 14.28 -3.81
N LEU A 47 -1.75 13.09 -3.22
CA LEU A 47 -1.20 12.90 -1.89
C LEU A 47 0.27 13.32 -1.85
N LEU A 48 1.09 12.67 -2.67
CA LEU A 48 2.51 12.97 -2.72
C LEU A 48 2.76 14.30 -3.44
N ASN A 49 2.59 14.30 -4.76
CA ASN A 49 2.79 15.50 -5.56
C ASN A 49 2.41 15.25 -7.01
N TYR A 50 2.08 16.32 -7.73
CA TYR A 50 1.70 16.22 -9.13
C TYR A 50 2.91 15.88 -9.99
N ARG A 51 3.71 16.89 -10.31
CA ARG A 51 4.90 16.70 -11.13
C ARG A 51 4.60 15.87 -12.38
N LYS A 52 5.64 15.40 -13.05
CA LYS A 52 5.49 14.59 -14.25
C LYS A 52 6.69 13.68 -14.44
N SER A 53 7.26 13.20 -13.34
CA SER A 53 8.40 12.30 -13.39
C SER A 53 8.41 11.35 -12.19
N GLN A 54 8.49 11.92 -10.99
CA GLN A 54 8.50 11.12 -9.78
C GLN A 54 7.26 10.25 -9.68
N ASP A 55 6.15 10.74 -10.23
CA ASP A 55 4.89 10.00 -10.21
C ASP A 55 4.93 8.82 -11.17
N ASP A 56 5.45 9.06 -12.37
CA ASP A 56 5.55 8.01 -13.39
C ASP A 56 6.76 7.13 -13.14
N GLU A 57 7.95 7.68 -13.35
CA GLU A 57 9.19 6.94 -13.15
C GLU A 57 9.73 7.16 -11.74
N LYS A 58 10.01 6.06 -11.04
CA LYS A 58 10.54 6.14 -9.68
C LYS A 58 11.50 4.98 -9.41
N LEU A 59 12.34 5.15 -8.41
CA LEU A 59 13.32 4.13 -8.04
C LEU A 59 12.66 3.02 -7.22
N SER A 60 11.84 3.42 -6.26
CA SER A 60 11.15 2.47 -5.40
C SER A 60 12.14 1.62 -4.61
N THR A 61 13.26 2.24 -4.22
CA THR A 61 14.29 1.54 -3.46
C THR A 61 15.22 2.53 -2.77
N LEU A 62 15.60 2.21 -1.54
CA LEU A 62 16.49 3.07 -0.76
C LEU A 62 17.82 2.37 -0.49
N SER A 63 17.77 1.28 0.26
CA SER A 63 18.97 0.52 0.60
C SER A 63 18.84 -0.94 0.15
N HIS A 64 17.92 -1.20 -0.77
CA HIS A 64 17.71 -2.54 -1.28
C HIS A 64 17.52 -3.54 -0.14
N SER A 65 16.32 -3.56 0.43
CA SER A 65 16.01 -4.46 1.53
C SER A 65 16.89 -4.16 2.74
N TRP A 66 16.59 -4.82 3.86
CA TRP A 66 17.36 -4.63 5.08
C TRP A 66 18.58 -5.53 5.10
N SER A 67 18.39 -6.78 4.69
CA SER A 67 19.49 -7.75 4.66
C SER A 67 19.25 -8.81 3.59
N GLN A 68 18.11 -9.49 3.68
CA GLN A 68 17.77 -10.53 2.72
C GLN A 68 17.73 -9.98 1.30
N VAL A 69 18.53 -10.58 0.41
CA VAL A 69 18.58 -10.15 -0.98
C VAL A 69 17.44 -10.75 -1.79
N VAL A 70 17.49 -12.06 -1.99
CA VAL A 70 16.47 -12.76 -2.76
C VAL A 70 15.22 -13.02 -1.93
N ASP A 71 15.41 -13.28 -0.64
CA ASP A 71 14.29 -13.55 0.27
C ASP A 71 13.23 -12.45 0.16
N VAL A 72 13.67 -11.20 0.09
CA VAL A 72 12.76 -10.08 -0.01
C VAL A 72 12.10 -10.00 -1.38
N SER A 73 12.74 -10.62 -2.38
CA SER A 73 12.22 -10.63 -3.73
C SER A 73 11.14 -11.72 -3.90
N GLU A 74 11.52 -12.95 -3.58
CA GLU A 74 10.59 -14.08 -3.70
C GLU A 74 9.40 -13.94 -2.76
N VAL A 75 9.56 -13.14 -1.71
CA VAL A 75 8.49 -12.93 -0.74
C VAL A 75 7.14 -12.66 -1.43
N LEU A 76 7.18 -11.92 -2.53
CA LEU A 76 5.99 -11.60 -3.28
C LEU A 76 5.57 -12.76 -4.18
N ARG A 77 6.56 -13.52 -4.66
CA ARG A 77 6.30 -14.65 -5.53
C ARG A 77 5.62 -15.78 -4.77
N ASP A 78 5.94 -15.92 -3.49
CA ASP A 78 5.35 -16.95 -2.66
C ASP A 78 3.83 -16.83 -2.63
N GLY A 79 3.34 -15.73 -2.08
CA GLY A 79 1.91 -15.51 -2.00
C GLY A 79 1.45 -15.26 -0.58
N THR A 80 2.21 -14.47 0.15
CA THR A 80 1.87 -14.15 1.53
C THR A 80 1.94 -12.64 1.78
N PRO A 81 1.53 -12.19 2.97
CA PRO A 81 1.54 -10.77 3.33
C PRO A 81 2.93 -10.15 3.22
N ARG A 82 3.13 -9.02 3.88
CA ARG A 82 4.41 -8.32 3.85
C ARG A 82 4.66 -7.55 5.14
N ARG A 83 5.92 -7.40 5.50
CA ARG A 83 6.31 -6.67 6.70
C ARG A 83 6.74 -5.26 6.36
N ASP A 84 6.54 -4.34 7.30
CA ASP A 84 6.92 -2.94 7.08
C ASP A 84 8.26 -2.60 7.70
N GLU A 85 8.94 -1.64 7.10
CA GLU A 85 10.25 -1.21 7.54
C GLU A 85 10.25 0.26 7.96
N GLU A 86 11.13 0.60 8.91
CA GLU A 86 11.23 1.97 9.40
C GLU A 86 12.51 2.62 8.94
N ILE A 87 12.37 3.33 7.84
CA ILE A 87 13.42 4.15 7.32
C ILE A 87 12.84 5.51 7.49
N THR A 88 13.17 6.15 8.58
CA THR A 88 12.58 7.41 8.88
C THR A 88 13.57 8.57 8.74
N ILE A 89 13.47 9.28 7.61
CA ILE A 89 14.36 10.40 7.32
C ILE A 89 14.48 11.35 8.51
N LYS A 90 13.37 11.57 9.20
CA LYS A 90 13.36 12.47 10.36
C LYS A 90 12.65 11.83 11.54
N ASP A 91 11.50 11.23 11.29
CA ASP A 91 10.72 10.58 12.34
C ASP A 91 9.67 9.64 11.75
N ARG A 92 9.05 10.06 10.66
CA ARG A 92 8.02 9.25 10.00
C ARG A 92 8.64 8.03 9.33
N LEU A 93 8.57 6.89 10.01
CA LEU A 93 9.11 5.63 9.48
C LEU A 93 8.62 5.39 8.06
N LEU A 94 9.54 5.05 7.15
CA LEU A 94 9.17 4.78 5.76
C LEU A 94 9.13 3.28 5.50
N LEU A 95 7.93 2.76 5.23
CA LEU A 95 7.75 1.34 4.95
C LEU A 95 7.17 1.14 3.56
N ILE A 96 8.02 0.82 2.61
CA ILE A 96 7.59 0.59 1.24
C ILE A 96 7.70 -0.89 0.87
N ASN A 97 6.57 -1.59 0.91
CA ASN A 97 6.54 -3.01 0.60
C ASN A 97 5.47 -3.34 -0.44
N THR A 98 5.72 -4.37 -1.23
CA THR A 98 4.78 -4.79 -2.26
C THR A 98 4.16 -6.14 -1.91
N VAL A 99 2.83 -6.20 -1.90
CA VAL A 99 2.12 -7.43 -1.58
C VAL A 99 1.54 -8.07 -2.84
N PRO A 100 1.42 -9.41 -2.86
CA PRO A 100 0.87 -10.15 -3.99
C PRO A 100 -0.60 -10.50 -3.80
N VAL A 101 -1.46 -9.90 -4.61
CA VAL A 101 -2.89 -10.16 -4.53
C VAL A 101 -3.22 -11.58 -4.98
N ARG A 102 -4.17 -12.21 -4.29
CA ARG A 102 -4.57 -13.57 -4.62
C ARG A 102 -3.42 -14.55 -4.40
N SER A 103 -3.71 -15.66 -3.74
CA SER A 103 -2.70 -16.67 -3.47
C SER A 103 -2.75 -17.80 -4.50
N ASN A 104 -1.60 -18.08 -5.11
CA ASN A 104 -1.51 -19.13 -6.12
C ASN A 104 -2.44 -18.84 -7.30
N GLY A 105 -2.18 -19.51 -8.42
CA GLY A 105 -3.00 -19.30 -9.60
C GLY A 105 -2.70 -17.99 -10.31
N VAL A 106 -3.23 -16.90 -9.77
CA VAL A 106 -3.01 -15.58 -10.36
C VAL A 106 -2.03 -14.77 -9.52
N ILE A 107 -0.76 -15.16 -9.57
CA ILE A 107 0.28 -14.47 -8.81
C ILE A 107 1.44 -14.07 -9.72
N ILE A 108 1.21 -13.06 -10.56
CA ILE A 108 2.22 -12.58 -11.48
C ILE A 108 2.55 -11.11 -11.21
N GLY A 109 1.52 -10.29 -11.01
CA GLY A 109 1.74 -8.89 -10.75
C GLY A 109 2.04 -8.61 -9.29
N ALA A 110 2.23 -7.33 -8.97
CA ALA A 110 2.54 -6.93 -7.60
C ALA A 110 1.98 -5.54 -7.30
N ILE A 111 1.49 -5.36 -6.08
CA ILE A 111 0.95 -4.08 -5.65
C ILE A 111 1.94 -3.29 -4.82
N SER A 112 1.86 -1.96 -4.88
CA SER A 112 2.77 -1.10 -4.14
C SER A 112 2.09 -0.57 -2.88
N THR A 113 2.76 -0.71 -1.74
CA THR A 113 2.22 -0.23 -0.48
C THR A 113 2.83 1.11 -0.08
N PHE A 114 2.00 1.98 0.48
CA PHE A 114 2.46 3.30 0.90
C PHE A 114 1.64 3.80 2.09
N ARG A 115 2.27 3.83 3.26
CA ARG A 115 1.60 4.30 4.47
C ARG A 115 2.36 5.45 5.12
N ASP A 116 1.63 6.35 5.76
CA ASP A 116 2.24 7.50 6.41
C ASP A 116 1.46 7.89 7.66
N LYS A 117 2.18 8.21 8.74
CA LYS A 117 1.55 8.60 9.99
C LYS A 117 1.86 10.06 10.31
N THR A 118 1.15 10.60 11.31
CA THR A 118 1.35 11.98 11.72
C THR A 118 1.03 12.17 13.20
N GLY A 1 -31.51 -2.35 34.34
CA GLY A 1 -31.88 -3.00 33.06
C GLY A 1 -30.78 -2.89 32.01
N HIS A 2 -31.16 -2.49 30.80
CA HIS A 2 -30.19 -2.35 29.71
C HIS A 2 -30.65 -1.28 28.73
N MET A 3 -29.90 -0.19 28.65
CA MET A 3 -30.23 0.91 27.75
C MET A 3 -28.97 1.70 27.39
N GLY A 4 -28.27 1.24 26.37
CA GLY A 4 -27.06 1.92 25.93
C GLY A 4 -26.27 1.11 24.93
N LEU A 5 -25.80 -0.07 25.34
CA LEU A 5 -25.04 -0.94 24.46
C LEU A 5 -23.77 -0.25 23.97
N GLU A 6 -22.94 0.19 24.91
CA GLU A 6 -21.70 0.87 24.57
C GLU A 6 -20.77 -0.03 23.75
N PRO A 7 -20.51 -1.26 24.25
CA PRO A 7 -19.64 -2.21 23.56
C PRO A 7 -20.01 -2.39 22.09
N TYR A 8 -21.27 -2.12 21.77
CA TYR A 8 -21.75 -2.25 20.39
C TYR A 8 -20.88 -1.44 19.43
N GLU A 9 -20.78 -0.14 19.68
CA GLU A 9 -19.98 0.74 18.83
C GLU A 9 -18.49 0.45 19.00
N ILE A 10 -18.10 0.10 20.22
CA ILE A 10 -16.70 -0.20 20.51
C ILE A 10 -16.18 -1.35 19.63
N SER A 11 -17.10 -2.16 19.11
CA SER A 11 -16.73 -3.29 18.25
C SER A 11 -15.79 -2.84 17.14
N THR A 12 -14.61 -3.46 17.11
CA THR A 12 -13.61 -3.14 16.11
C THR A 12 -13.97 -3.72 14.74
N LEU A 13 -14.70 -4.83 14.76
CA LEU A 13 -15.12 -5.49 13.53
C LEU A 13 -15.90 -4.52 12.64
N PHE A 14 -16.77 -3.74 13.24
CA PHE A 14 -17.57 -2.77 12.50
C PHE A 14 -16.74 -1.54 12.12
N GLU A 15 -15.74 -1.24 12.95
CA GLU A 15 -14.87 -0.09 12.70
C GLU A 15 -14.20 -0.20 11.33
N GLN A 16 -13.98 -1.44 10.87
CA GLN A 16 -13.35 -1.67 9.58
C GLN A 16 -14.16 -1.03 8.46
N ARG A 17 -15.47 -1.24 8.49
CA ARG A 17 -16.36 -0.68 7.48
C ARG A 17 -16.41 0.85 7.58
N GLN A 18 -16.48 1.35 8.81
CA GLN A 18 -16.54 2.79 9.04
C GLN A 18 -15.26 3.46 8.54
N ALA A 19 -14.14 2.74 8.61
CA ALA A 19 -12.86 3.27 8.16
C ALA A 19 -12.92 3.71 6.71
N MET A 20 -13.87 3.16 5.96
CA MET A 20 -14.03 3.49 4.54
C MET A 20 -14.09 5.00 4.34
N LEU A 21 -14.65 5.71 5.32
CA LEU A 21 -14.76 7.15 5.25
C LEU A 21 -13.39 7.81 5.21
N GLN A 22 -12.40 7.16 5.81
CA GLN A 22 -11.04 7.68 5.84
C GLN A 22 -10.51 7.90 4.43
N SER A 23 -11.04 7.14 3.47
CA SER A 23 -10.61 7.26 2.08
C SER A 23 -9.16 6.81 1.92
N ILE A 24 -8.85 6.23 0.77
CA ILE A 24 -7.51 5.76 0.48
C ILE A 24 -6.54 6.93 0.29
N LYS A 25 -6.98 7.94 -0.45
CA LYS A 25 -6.15 9.11 -0.70
C LYS A 25 -4.89 8.74 -1.46
N GLU A 26 -4.98 7.69 -2.28
CA GLU A 26 -3.83 7.23 -3.06
C GLU A 26 -4.25 6.93 -4.50
N GLY A 27 -3.46 7.42 -5.45
CA GLY A 27 -3.77 7.20 -6.85
C GLY A 27 -3.66 5.74 -7.24
N VAL A 28 -3.23 5.49 -8.48
CA VAL A 28 -3.07 4.14 -8.99
C VAL A 28 -1.61 3.79 -9.21
N VAL A 29 -1.02 3.06 -8.26
CA VAL A 29 0.38 2.66 -8.36
C VAL A 29 0.50 1.14 -8.48
N ALA A 30 1.14 0.68 -9.54
CA ALA A 30 1.32 -0.75 -9.76
C ALA A 30 2.73 -1.06 -10.26
N VAL A 31 3.22 -2.24 -9.92
CA VAL A 31 4.55 -2.67 -10.34
C VAL A 31 4.53 -4.11 -10.87
N ASP A 32 5.43 -4.40 -11.80
CA ASP A 32 5.52 -5.74 -12.39
C ASP A 32 5.56 -6.81 -11.30
N ASP A 33 6.71 -6.95 -10.65
CA ASP A 33 6.87 -7.94 -9.60
C ASP A 33 7.34 -7.29 -8.31
N ARG A 34 8.57 -6.79 -8.32
CA ARG A 34 9.14 -6.13 -7.15
C ARG A 34 9.08 -4.61 -7.30
N GLY A 35 9.18 -4.14 -8.53
CA GLY A 35 9.14 -2.71 -8.80
C GLY A 35 8.98 -2.39 -10.27
N GLU A 36 9.68 -1.36 -10.72
CA GLU A 36 9.62 -0.96 -12.13
C GLU A 36 8.20 -0.52 -12.50
N VAL A 37 8.05 0.74 -12.90
CA VAL A 37 6.76 1.28 -13.28
C VAL A 37 6.74 1.66 -14.76
N THR A 38 7.67 2.54 -15.15
CA THR A 38 7.76 2.99 -16.53
C THR A 38 6.58 3.89 -16.92
N LEU A 39 5.38 3.33 -16.86
CA LEU A 39 4.17 4.08 -17.20
C LEU A 39 3.35 4.38 -15.95
N ILE A 40 2.63 5.50 -15.97
CA ILE A 40 1.79 5.91 -14.85
C ILE A 40 0.44 6.42 -15.32
N ASN A 41 -0.59 6.15 -14.53
CA ASN A 41 -1.94 6.58 -14.86
C ASN A 41 -2.06 8.09 -14.79
N ASP A 42 -3.17 8.63 -15.27
CA ASP A 42 -3.41 10.07 -15.27
C ASP A 42 -3.61 10.58 -13.84
N ALA A 43 -4.59 10.01 -13.15
CA ALA A 43 -4.89 10.40 -11.79
C ALA A 43 -3.69 10.19 -10.87
N ALA A 44 -2.87 9.20 -11.20
CA ALA A 44 -1.69 8.90 -10.41
C ALA A 44 -0.65 10.01 -10.50
N GLN A 45 -0.64 10.71 -11.63
CA GLN A 45 0.31 11.80 -11.84
C GLN A 45 0.00 12.98 -10.93
N GLU A 46 -1.26 13.11 -10.54
CA GLU A 46 -1.68 14.20 -9.66
C GLU A 46 -0.86 14.22 -8.37
N LEU A 47 -0.37 13.05 -7.98
CA LEU A 47 0.43 12.94 -6.76
C LEU A 47 1.64 13.87 -6.81
N LEU A 48 2.46 13.71 -7.83
CA LEU A 48 3.65 14.54 -7.99
C LEU A 48 3.28 15.90 -8.59
N ASN A 49 2.75 15.89 -9.80
CA ASN A 49 2.35 17.11 -10.47
C ASN A 49 1.63 16.81 -11.79
N TYR A 50 0.88 17.78 -12.29
CA TYR A 50 0.14 17.62 -13.53
C TYR A 50 1.09 17.63 -14.73
N ARG A 51 1.94 16.60 -14.81
CA ARG A 51 2.89 16.49 -15.91
C ARG A 51 3.50 15.09 -15.96
N LYS A 52 3.94 14.68 -17.14
CA LYS A 52 4.53 13.37 -17.33
C LYS A 52 6.05 13.47 -17.45
N SER A 53 6.68 12.40 -17.94
CA SER A 53 8.13 12.37 -18.12
C SER A 53 8.84 12.35 -16.76
N GLN A 54 8.73 13.45 -16.03
CA GLN A 54 9.36 13.55 -14.71
C GLN A 54 8.82 12.48 -13.76
N ASP A 55 7.54 12.14 -13.93
CA ASP A 55 6.91 11.13 -13.09
C ASP A 55 7.54 9.76 -13.30
N ASP A 56 7.86 9.45 -14.55
CA ASP A 56 8.48 8.18 -14.89
C ASP A 56 9.88 8.08 -14.28
N GLU A 57 10.30 6.85 -13.98
CA GLU A 57 11.62 6.61 -13.40
C GLU A 57 11.74 7.31 -12.05
N LYS A 58 10.80 7.03 -11.15
CA LYS A 58 10.82 7.63 -9.81
C LYS A 58 11.62 6.77 -8.84
N LEU A 59 11.57 7.14 -7.56
CA LEU A 59 12.29 6.40 -6.53
C LEU A 59 11.37 5.43 -5.81
N SER A 60 11.42 4.16 -6.19
CA SER A 60 10.58 3.14 -5.57
C SER A 60 11.25 2.56 -4.34
N THR A 61 12.38 1.90 -4.54
CA THR A 61 13.13 1.30 -3.43
C THR A 61 14.01 2.32 -2.74
N LEU A 62 14.45 2.00 -1.53
CA LEU A 62 15.30 2.89 -0.76
C LEU A 62 16.78 2.57 -1.00
N SER A 63 17.66 3.33 -0.35
CA SER A 63 19.09 3.14 -0.50
C SER A 63 19.75 2.88 0.85
N HIS A 64 19.82 1.61 1.23
CA HIS A 64 20.41 1.22 2.50
C HIS A 64 20.50 -0.30 2.62
N SER A 65 21.50 -0.78 3.35
CA SER A 65 21.70 -2.21 3.54
C SER A 65 21.38 -2.61 4.98
N TRP A 66 20.10 -2.54 5.33
CA TRP A 66 19.66 -2.90 6.67
C TRP A 66 18.15 -3.04 6.73
N SER A 67 17.58 -3.65 5.69
CA SER A 67 16.14 -3.86 5.60
C SER A 67 15.81 -5.33 5.41
N GLN A 68 14.71 -5.78 5.99
CA GLN A 68 14.28 -7.17 5.87
C GLN A 68 13.55 -7.41 4.56
N VAL A 69 14.32 -7.65 3.50
CA VAL A 69 13.75 -7.88 2.18
C VAL A 69 12.92 -9.16 2.17
N VAL A 70 13.33 -10.15 2.95
CA VAL A 70 12.64 -11.42 3.03
C VAL A 70 11.28 -11.27 3.72
N ASP A 71 11.21 -10.33 4.66
CA ASP A 71 9.98 -10.08 5.40
C ASP A 71 8.86 -9.67 4.45
N VAL A 72 9.10 -8.62 3.67
CA VAL A 72 8.11 -8.13 2.73
C VAL A 72 7.91 -9.10 1.57
N SER A 73 8.95 -9.86 1.25
CA SER A 73 8.88 -10.84 0.16
C SER A 73 8.05 -12.04 0.57
N GLU A 74 8.06 -12.36 1.86
CA GLU A 74 7.29 -13.49 2.37
C GLU A 74 5.80 -13.22 2.30
N VAL A 75 5.38 -12.08 2.82
CA VAL A 75 3.97 -11.70 2.81
C VAL A 75 3.42 -11.67 1.39
N LEU A 76 4.15 -11.02 0.48
CA LEU A 76 3.74 -10.92 -0.90
C LEU A 76 3.60 -12.30 -1.53
N ARG A 77 4.47 -13.22 -1.11
CA ARG A 77 4.44 -14.58 -1.63
C ARG A 77 3.32 -15.39 -0.99
N ASP A 78 3.18 -15.27 0.33
CA ASP A 78 2.15 -15.98 1.06
C ASP A 78 0.76 -15.57 0.57
N GLY A 79 0.63 -14.29 0.18
CA GLY A 79 -0.64 -13.80 -0.31
C GLY A 79 -1.58 -13.41 0.83
N THR A 80 -1.10 -12.56 1.73
CA THR A 80 -1.91 -12.10 2.85
C THR A 80 -1.61 -10.65 3.19
N PRO A 81 -2.64 -9.85 3.51
CA PRO A 81 -2.46 -8.44 3.86
C PRO A 81 -1.83 -8.24 5.23
N ARG A 82 -0.51 -8.05 5.26
CA ARG A 82 0.20 -7.86 6.51
C ARG A 82 1.18 -6.69 6.41
N ARG A 83 1.21 -5.85 7.44
CA ARG A 83 2.09 -4.69 7.45
C ARG A 83 3.02 -4.74 8.65
N ASP A 84 4.25 -5.18 8.42
CA ASP A 84 5.25 -5.27 9.47
C ASP A 84 6.65 -5.10 8.90
N GLU A 85 7.20 -3.90 9.02
CA GLU A 85 8.52 -3.62 8.48
C GLU A 85 9.21 -2.52 9.28
N GLU A 86 10.55 -2.58 9.34
CA GLU A 86 11.30 -1.58 10.07
C GLU A 86 12.46 -1.05 9.27
N ILE A 87 12.17 0.07 8.66
CA ILE A 87 13.11 0.87 7.94
C ILE A 87 12.84 2.20 8.58
N THR A 88 13.61 2.53 9.58
CA THR A 88 13.34 3.72 10.34
C THR A 88 14.33 4.84 10.05
N ILE A 89 13.81 6.01 9.68
CA ILE A 89 14.64 7.16 9.37
C ILE A 89 14.95 7.95 10.64
N LYS A 90 14.00 8.00 11.56
CA LYS A 90 14.17 8.73 12.81
C LYS A 90 13.48 7.99 13.95
N ASP A 91 13.96 6.80 14.25
CA ASP A 91 13.40 5.98 15.32
C ASP A 91 11.92 5.66 15.05
N ARG A 92 11.52 5.79 13.79
CA ARG A 92 10.15 5.51 13.40
C ARG A 92 10.12 4.55 12.20
N LEU A 93 10.15 3.25 12.51
CA LEU A 93 10.14 2.21 11.48
C LEU A 93 9.16 2.56 10.35
N LEU A 94 9.60 2.35 9.10
CA LEU A 94 8.75 2.62 7.94
C LEU A 94 8.12 1.34 7.42
N LEU A 95 6.87 1.10 7.77
CA LEU A 95 6.17 -0.08 7.30
C LEU A 95 5.25 0.29 6.15
N ILE A 96 5.59 -0.20 4.96
CA ILE A 96 4.82 0.09 3.77
C ILE A 96 3.88 -1.06 3.45
N ASN A 97 2.75 -0.75 2.83
CA ASN A 97 1.75 -1.76 2.50
C ASN A 97 1.85 -2.20 1.04
N THR A 98 1.92 -3.50 0.84
CA THR A 98 2.01 -4.08 -0.50
C THR A 98 1.30 -5.42 -0.54
N VAL A 99 0.07 -5.42 -1.05
CA VAL A 99 -0.72 -6.63 -1.15
C VAL A 99 -0.68 -7.22 -2.56
N PRO A 100 -0.69 -8.56 -2.67
CA PRO A 100 -0.67 -9.25 -3.95
C PRO A 100 -2.04 -9.68 -4.41
N VAL A 101 -2.25 -9.72 -5.73
CA VAL A 101 -3.52 -10.12 -6.30
C VAL A 101 -3.99 -11.46 -5.75
N ARG A 102 -5.30 -11.60 -5.58
CA ARG A 102 -5.87 -12.83 -5.05
C ARG A 102 -5.49 -14.03 -5.91
N SER A 103 -6.16 -14.19 -7.04
CA SER A 103 -5.89 -15.30 -7.95
C SER A 103 -6.01 -16.64 -7.22
N ASN A 104 -5.87 -17.72 -7.98
CA ASN A 104 -5.97 -19.06 -7.40
C ASN A 104 -4.58 -19.68 -7.20
N GLY A 105 -3.95 -19.33 -6.09
CA GLY A 105 -2.62 -19.86 -5.81
C GLY A 105 -1.52 -18.94 -6.28
N VAL A 106 -1.04 -19.17 -7.49
CA VAL A 106 0.03 -18.37 -8.07
C VAL A 106 -0.42 -16.92 -8.25
N ILE A 107 0.42 -15.99 -7.81
CA ILE A 107 0.12 -14.56 -7.93
C ILE A 107 0.92 -13.92 -9.06
N ILE A 108 0.22 -13.19 -9.92
CA ILE A 108 0.86 -12.52 -11.05
C ILE A 108 0.66 -11.01 -10.97
N GLY A 109 1.70 -10.29 -10.56
CA GLY A 109 1.60 -8.84 -10.44
C GLY A 109 1.35 -8.39 -9.02
N ALA A 110 2.24 -7.57 -8.50
CA ALA A 110 2.11 -7.05 -7.14
C ALA A 110 1.81 -5.56 -7.14
N ILE A 111 1.04 -5.12 -6.16
CA ILE A 111 0.68 -3.70 -6.03
C ILE A 111 1.46 -3.03 -4.90
N SER A 112 1.74 -1.75 -5.08
CA SER A 112 2.49 -1.00 -4.06
C SER A 112 1.66 0.16 -3.52
N THR A 113 1.79 0.43 -2.23
CA THR A 113 1.06 1.51 -1.59
C THR A 113 2.00 2.42 -0.80
N PHE A 114 2.33 3.56 -1.39
CA PHE A 114 3.22 4.51 -0.75
C PHE A 114 2.46 5.73 -0.24
N ARG A 115 2.73 6.10 1.02
CA ARG A 115 2.06 7.25 1.63
C ARG A 115 3.03 7.99 2.54
N ASP A 116 3.59 9.09 2.04
CA ASP A 116 4.52 9.89 2.82
C ASP A 116 3.84 11.15 3.36
N LYS A 117 4.03 11.41 4.65
CA LYS A 117 3.43 12.57 5.29
C LYS A 117 1.92 12.56 5.16
N THR A 118 1.33 11.38 5.38
CA THR A 118 -0.12 11.22 5.28
C THR A 118 -0.63 10.26 6.36
N GLY A 1 -29.75 10.89 18.51
CA GLY A 1 -30.77 11.93 18.79
C GLY A 1 -31.41 11.76 20.16
N HIS A 2 -30.62 11.29 21.12
CA HIS A 2 -31.11 11.08 22.49
C HIS A 2 -32.19 10.00 22.51
N MET A 3 -32.10 9.06 21.60
CA MET A 3 -33.07 7.97 21.51
C MET A 3 -32.40 6.66 21.14
N GLY A 4 -33.13 5.56 21.32
CA GLY A 4 -32.57 4.25 20.99
C GLY A 4 -32.89 3.82 19.57
N LEU A 5 -31.86 3.41 18.83
CA LEU A 5 -32.04 2.98 17.45
C LEU A 5 -31.68 1.50 17.29
N GLU A 6 -32.62 0.72 16.78
CA GLU A 6 -32.41 -0.71 16.59
C GLU A 6 -31.63 -0.97 15.29
N PRO A 7 -32.11 -0.42 14.16
CA PRO A 7 -31.44 -0.60 12.87
C PRO A 7 -29.98 -0.17 12.90
N TYR A 8 -29.74 1.01 13.47
CA TYR A 8 -28.38 1.54 13.57
C TYR A 8 -27.51 0.65 14.45
N GLU A 9 -28.12 0.08 15.49
CA GLU A 9 -27.41 -0.80 16.41
C GLU A 9 -26.83 -2.00 15.68
N ILE A 10 -27.62 -2.58 14.79
CA ILE A 10 -27.18 -3.74 14.01
C ILE A 10 -26.07 -3.37 13.04
N SER A 11 -26.01 -2.08 12.68
CA SER A 11 -24.99 -1.60 11.75
C SER A 11 -23.81 -1.00 12.49
N THR A 12 -23.53 -1.53 13.68
CA THR A 12 -22.42 -1.04 14.49
C THR A 12 -21.10 -1.67 14.06
N LEU A 13 -21.13 -2.98 13.83
CA LEU A 13 -19.92 -3.70 13.41
C LEU A 13 -19.62 -3.43 11.94
N PHE A 14 -20.67 -3.17 11.15
CA PHE A 14 -20.51 -2.90 9.73
C PHE A 14 -19.81 -1.57 9.51
N GLU A 15 -20.07 -0.61 10.40
CA GLU A 15 -19.48 0.72 10.31
C GLU A 15 -17.96 0.63 10.49
N GLN A 16 -17.52 -0.30 11.32
CA GLN A 16 -16.10 -0.48 11.59
C GLN A 16 -15.36 -0.88 10.31
N ARG A 17 -15.97 -1.77 9.53
CA ARG A 17 -15.38 -2.23 8.29
C ARG A 17 -15.56 -1.20 7.18
N GLN A 18 -16.60 -0.38 7.29
CA GLN A 18 -16.88 0.65 6.31
C GLN A 18 -15.70 1.59 6.14
N ALA A 19 -15.10 2.00 7.26
CA ALA A 19 -13.96 2.90 7.24
C ALA A 19 -12.67 2.15 6.91
N MET A 20 -12.61 0.89 7.30
CA MET A 20 -11.43 0.06 7.04
C MET A 20 -11.28 -0.24 5.55
N LEU A 21 -12.39 -0.18 4.82
CA LEU A 21 -12.37 -0.44 3.38
C LEU A 21 -11.42 0.51 2.67
N GLN A 22 -11.38 1.76 3.12
CA GLN A 22 -10.51 2.76 2.52
C GLN A 22 -9.05 2.46 2.81
N SER A 23 -8.69 2.45 4.09
CA SER A 23 -7.32 2.17 4.51
C SER A 23 -6.35 3.18 3.92
N ILE A 24 -5.77 4.01 4.78
CA ILE A 24 -4.83 5.03 4.35
C ILE A 24 -5.47 6.00 3.37
N LYS A 25 -5.68 7.23 3.81
CA LYS A 25 -6.28 8.25 2.97
C LYS A 25 -5.22 9.23 2.45
N GLU A 26 -4.02 8.71 2.21
CA GLU A 26 -2.92 9.54 1.71
C GLU A 26 -3.22 10.05 0.31
N GLY A 27 -3.25 9.14 -0.66
CA GLY A 27 -3.52 9.54 -2.03
C GLY A 27 -4.07 8.40 -2.86
N VAL A 28 -3.73 8.39 -4.15
CA VAL A 28 -4.20 7.35 -5.06
C VAL A 28 -3.06 6.81 -5.91
N VAL A 29 -2.64 5.58 -5.63
CA VAL A 29 -1.57 4.95 -6.37
C VAL A 29 -1.80 3.45 -6.52
N ALA A 30 -1.49 2.91 -7.69
CA ALA A 30 -1.68 1.49 -7.97
C ALA A 30 -0.48 0.92 -8.73
N VAL A 31 -0.07 -0.28 -8.35
CA VAL A 31 1.07 -0.94 -9.00
C VAL A 31 0.81 -2.43 -9.16
N ASP A 32 1.40 -3.01 -10.20
CA ASP A 32 1.23 -4.43 -10.48
C ASP A 32 1.70 -5.27 -9.29
N ASP A 33 1.83 -6.58 -9.51
CA ASP A 33 2.27 -7.48 -8.45
C ASP A 33 3.61 -7.05 -7.88
N ARG A 34 4.57 -6.77 -8.76
CA ARG A 34 5.89 -6.33 -8.35
C ARG A 34 5.98 -4.81 -8.31
N GLY A 35 5.90 -4.19 -9.48
CA GLY A 35 5.99 -2.74 -9.56
C GLY A 35 6.16 -2.25 -10.98
N GLU A 36 5.25 -1.38 -11.42
CA GLU A 36 5.30 -0.83 -12.77
C GLU A 36 5.28 0.69 -12.73
N VAL A 37 4.30 1.26 -12.04
CA VAL A 37 4.17 2.70 -11.93
C VAL A 37 4.03 3.35 -13.30
N THR A 38 3.40 2.63 -14.22
CA THR A 38 3.20 3.14 -15.58
C THR A 38 2.04 4.13 -15.63
N LEU A 39 0.97 3.81 -14.91
CA LEU A 39 -0.20 4.68 -14.88
C LEU A 39 -0.48 5.17 -13.46
N ILE A 40 -0.42 6.49 -13.28
CA ILE A 40 -0.67 7.09 -11.97
C ILE A 40 -1.74 8.17 -12.05
N ASN A 41 -2.48 8.36 -10.97
CA ASN A 41 -3.54 9.36 -10.92
C ASN A 41 -2.97 10.76 -11.13
N ASP A 42 -3.84 11.71 -11.45
CA ASP A 42 -3.43 13.09 -11.68
C ASP A 42 -2.88 13.72 -10.40
N ALA A 43 -3.77 13.99 -9.46
CA ALA A 43 -3.39 14.60 -8.19
C ALA A 43 -2.32 13.77 -7.48
N ALA A 44 -2.32 12.47 -7.74
CA ALA A 44 -1.35 11.57 -7.12
C ALA A 44 0.08 12.02 -7.39
N GLN A 45 0.37 12.31 -8.66
CA GLN A 45 1.70 12.75 -9.05
C GLN A 45 2.09 14.05 -8.35
N GLU A 46 1.07 14.84 -7.99
CA GLU A 46 1.30 16.11 -7.31
C GLU A 46 2.16 15.93 -6.06
N LEU A 47 2.06 14.76 -5.46
CA LEU A 47 2.84 14.46 -4.25
C LEU A 47 4.33 14.45 -4.55
N LEU A 48 4.74 13.64 -5.52
CA LEU A 48 6.14 13.55 -5.90
C LEU A 48 6.62 14.86 -6.53
N ASN A 49 6.13 15.16 -7.73
CA ASN A 49 6.50 16.38 -8.42
C ASN A 49 5.70 16.55 -9.70
N TYR A 50 6.01 17.60 -10.46
CA TYR A 50 5.32 17.88 -11.71
C TYR A 50 6.19 17.53 -12.91
N ARG A 51 6.57 16.26 -13.01
CA ARG A 51 7.40 15.79 -14.11
C ARG A 51 6.57 15.08 -15.17
N LYS A 52 7.24 14.51 -16.16
CA LYS A 52 6.56 13.80 -17.24
C LYS A 52 6.99 12.34 -17.30
N SER A 53 8.27 12.09 -17.03
CA SER A 53 8.80 10.74 -17.05
C SER A 53 9.25 10.30 -15.65
N GLN A 54 9.84 11.22 -14.91
CA GLN A 54 10.31 10.92 -13.56
C GLN A 54 9.16 10.45 -12.67
N ASP A 55 7.99 11.07 -12.83
CA ASP A 55 6.82 10.71 -12.05
C ASP A 55 6.34 9.31 -12.41
N ASP A 56 6.54 8.94 -13.68
CA ASP A 56 6.12 7.62 -14.16
C ASP A 56 7.19 6.57 -13.84
N GLU A 57 8.45 6.92 -14.08
CA GLU A 57 9.56 6.01 -13.81
C GLU A 57 9.93 6.04 -12.33
N LYS A 58 10.03 4.85 -11.74
CA LYS A 58 10.37 4.74 -10.32
C LYS A 58 10.77 3.30 -9.97
N LEU A 59 12.01 3.13 -9.54
CA LEU A 59 12.51 1.81 -9.17
C LEU A 59 11.98 1.39 -7.81
N SER A 60 10.90 0.62 -7.82
CA SER A 60 10.28 0.14 -6.58
C SER A 60 11.17 -0.91 -5.92
N THR A 61 11.80 -1.75 -6.74
CA THR A 61 12.67 -2.80 -6.23
C THR A 61 14.10 -2.64 -6.76
N LEU A 62 15.07 -2.67 -5.86
CA LEU A 62 16.47 -2.52 -6.24
C LEU A 62 17.00 -3.82 -6.85
N SER A 63 18.24 -3.76 -7.32
CA SER A 63 18.88 -4.92 -7.93
C SER A 63 20.15 -5.30 -7.18
N HIS A 64 21.07 -4.35 -7.08
CA HIS A 64 22.33 -4.59 -6.38
C HIS A 64 22.15 -4.45 -4.87
N SER A 65 22.48 -5.50 -4.14
CA SER A 65 22.36 -5.50 -2.68
C SER A 65 22.88 -6.79 -2.09
N TRP A 66 23.36 -6.73 -0.85
CA TRP A 66 23.88 -7.90 -0.15
C TRP A 66 23.12 -8.17 1.13
N SER A 67 21.90 -8.68 0.99
CA SER A 67 21.06 -8.98 2.15
C SER A 67 19.85 -9.81 1.74
N GLN A 68 19.28 -10.54 2.69
CA GLN A 68 18.12 -11.38 2.41
C GLN A 68 16.90 -10.52 2.08
N VAL A 69 16.90 -9.95 0.88
CA VAL A 69 15.79 -9.11 0.43
C VAL A 69 14.64 -9.95 -0.10
N VAL A 70 14.97 -11.12 -0.64
CA VAL A 70 13.97 -12.03 -1.19
C VAL A 70 12.97 -12.43 -0.10
N ASP A 71 13.45 -12.58 1.13
CA ASP A 71 12.60 -12.97 2.24
C ASP A 71 11.51 -11.93 2.49
N VAL A 72 11.88 -10.66 2.36
CA VAL A 72 10.94 -9.56 2.57
C VAL A 72 9.75 -9.67 1.62
N SER A 73 10.00 -10.23 0.44
CA SER A 73 8.96 -10.38 -0.57
C SER A 73 7.82 -11.26 -0.06
N GLU A 74 8.13 -12.12 0.92
CA GLU A 74 7.14 -13.03 1.49
C GLU A 74 5.96 -12.24 2.06
N VAL A 75 6.23 -11.05 2.59
CA VAL A 75 5.18 -10.21 3.16
C VAL A 75 4.04 -9.98 2.17
N LEU A 76 4.39 -9.50 0.98
CA LEU A 76 3.40 -9.25 -0.05
C LEU A 76 2.77 -10.55 -0.55
N ARG A 77 3.53 -11.64 -0.45
CA ARG A 77 3.06 -12.95 -0.89
C ARG A 77 1.83 -13.37 -0.08
N ASP A 78 2.04 -13.63 1.21
CA ASP A 78 0.95 -14.04 2.08
C ASP A 78 -0.15 -12.98 2.13
N GLY A 79 0.26 -11.73 2.32
CA GLY A 79 -0.70 -10.63 2.37
C GLY A 79 -0.69 -9.91 3.70
N THR A 80 -0.09 -10.53 4.71
CA THR A 80 -0.02 -9.92 6.03
C THR A 80 0.68 -8.55 5.98
N PRO A 81 -0.08 -7.47 6.18
CA PRO A 81 0.47 -6.11 6.14
C PRO A 81 1.40 -5.82 7.32
N ARG A 82 2.69 -5.68 7.03
CA ARG A 82 3.68 -5.39 8.06
C ARG A 82 4.80 -4.53 7.49
N ARG A 83 5.35 -3.63 8.31
CA ARG A 83 6.42 -2.75 7.86
C ARG A 83 7.76 -3.17 8.43
N ASP A 84 8.55 -3.88 7.63
CA ASP A 84 9.87 -4.32 8.03
C ASP A 84 10.79 -4.45 6.82
N GLU A 85 11.59 -3.43 6.57
CA GLU A 85 12.49 -3.44 5.43
C GLU A 85 13.72 -2.58 5.67
N GLU A 86 14.84 -2.96 5.07
CA GLU A 86 16.07 -2.19 5.21
C GLU A 86 16.87 -2.17 3.95
N ILE A 87 16.64 -1.10 3.24
CA ILE A 87 17.37 -0.75 2.06
C ILE A 87 17.79 0.65 2.41
N THR A 88 18.98 0.78 2.95
CA THR A 88 19.41 2.06 3.42
C THR A 88 20.46 2.68 2.51
N ILE A 89 20.01 3.35 1.46
CA ILE A 89 20.91 3.99 0.49
C ILE A 89 22.02 4.76 1.18
N LYS A 90 21.72 5.34 2.34
CA LYS A 90 22.70 6.12 3.09
C LYS A 90 22.94 5.49 4.46
N ASP A 91 21.90 5.48 5.28
CA ASP A 91 21.99 4.92 6.62
C ASP A 91 20.60 4.57 7.16
N ARG A 92 19.63 5.45 6.91
CA ARG A 92 18.27 5.22 7.36
C ARG A 92 17.57 4.20 6.48
N LEU A 93 17.40 2.98 7.00
CA LEU A 93 16.75 1.90 6.28
C LEU A 93 15.50 2.40 5.55
N LEU A 94 15.25 1.87 4.35
CA LEU A 94 14.07 2.28 3.58
C LEU A 94 12.96 1.25 3.71
N LEU A 95 11.91 1.62 4.43
CA LEU A 95 10.76 0.73 4.60
C LEU A 95 9.54 1.32 3.90
N ILE A 96 9.21 0.75 2.76
CA ILE A 96 8.07 1.20 1.97
C ILE A 96 6.86 0.32 2.23
N ASN A 97 5.67 0.92 2.20
CA ASN A 97 4.45 0.17 2.46
C ASN A 97 3.75 -0.24 1.17
N THR A 98 3.70 -1.54 0.94
CA THR A 98 3.04 -2.10 -0.24
C THR A 98 2.17 -3.29 0.16
N VAL A 99 0.86 -3.05 0.25
CA VAL A 99 -0.07 -4.10 0.63
C VAL A 99 -0.77 -4.70 -0.59
N PRO A 100 -1.04 -6.02 -0.56
CA PRO A 100 -1.70 -6.72 -1.65
C PRO A 100 -3.19 -6.91 -1.39
N VAL A 101 -3.98 -6.96 -2.46
CA VAL A 101 -5.43 -7.15 -2.34
C VAL A 101 -5.75 -8.32 -1.42
N ARG A 102 -6.07 -8.02 -0.17
CA ARG A 102 -6.40 -9.05 0.81
C ARG A 102 -7.53 -9.95 0.31
N SER A 103 -7.19 -11.19 -0.01
CA SER A 103 -8.17 -12.15 -0.51
C SER A 103 -7.81 -13.57 -0.08
N ASN A 104 -8.81 -14.33 0.37
CA ASN A 104 -8.59 -15.70 0.81
C ASN A 104 -7.99 -16.54 -0.31
N GLY A 105 -6.93 -17.27 0.01
CA GLY A 105 -6.28 -18.11 -0.98
C GLY A 105 -5.44 -17.31 -1.96
N VAL A 106 -5.93 -17.21 -3.20
CA VAL A 106 -5.23 -16.47 -4.24
C VAL A 106 -5.03 -15.02 -3.83
N ILE A 107 -4.07 -14.35 -4.47
CA ILE A 107 -3.77 -12.95 -4.17
C ILE A 107 -3.02 -12.29 -5.32
N ILE A 108 -3.63 -11.26 -5.91
CA ILE A 108 -3.01 -10.55 -7.03
C ILE A 108 -3.20 -9.05 -6.89
N GLY A 109 -2.27 -8.27 -7.44
CA GLY A 109 -2.34 -6.83 -7.36
C GLY A 109 -1.91 -6.29 -6.01
N ALA A 110 -1.25 -5.14 -6.01
CA ALA A 110 -0.80 -4.52 -4.78
C ALA A 110 -0.76 -2.99 -4.92
N ILE A 111 -1.00 -2.30 -3.81
CA ILE A 111 -1.00 -0.85 -3.80
C ILE A 111 0.30 -0.30 -3.22
N SER A 112 0.79 0.80 -3.79
CA SER A 112 2.02 1.43 -3.33
C SER A 112 1.72 2.62 -2.43
N THR A 113 2.48 2.74 -1.35
CA THR A 113 2.30 3.84 -0.41
C THR A 113 3.63 4.48 -0.03
N PHE A 114 3.70 5.80 -0.13
CA PHE A 114 4.93 6.53 0.19
C PHE A 114 4.61 7.78 1.01
N ARG A 115 5.11 7.81 2.23
CA ARG A 115 4.88 8.95 3.12
C ARG A 115 6.05 9.14 4.07
N ASP A 116 6.93 10.08 3.75
CA ASP A 116 8.10 10.36 4.58
C ASP A 116 8.03 11.77 5.16
N LYS A 117 8.07 11.86 6.49
CA LYS A 117 8.01 13.14 7.17
C LYS A 117 8.14 12.97 8.68
N THR A 118 8.51 14.04 9.37
CA THR A 118 8.65 13.99 10.82
C THR A 118 8.29 15.34 11.45
N GLY A 1 -42.21 -0.55 8.27
CA GLY A 1 -43.68 -0.41 8.11
C GLY A 1 -44.43 -0.73 9.39
N HIS A 2 -44.68 -2.00 9.62
CA HIS A 2 -45.40 -2.44 10.82
C HIS A 2 -44.49 -2.42 12.04
N MET A 3 -43.30 -3.01 11.89
CA MET A 3 -42.34 -3.06 12.99
C MET A 3 -41.85 -1.66 13.35
N GLY A 4 -41.36 -0.92 12.35
CA GLY A 4 -40.87 0.42 12.59
C GLY A 4 -39.37 0.52 12.47
N LEU A 5 -38.89 0.69 11.24
CA LEU A 5 -37.45 0.80 10.99
C LEU A 5 -37.10 2.19 10.46
N GLU A 6 -37.78 3.20 10.98
CA GLU A 6 -37.54 4.58 10.55
C GLU A 6 -36.18 5.08 11.06
N PRO A 7 -35.93 4.95 12.37
CA PRO A 7 -34.66 5.39 12.98
C PRO A 7 -33.46 4.75 12.30
N TYR A 8 -33.65 3.55 11.76
CA TYR A 8 -32.58 2.83 11.09
C TYR A 8 -32.29 3.44 9.71
N GLU A 9 -33.34 3.98 9.10
CA GLU A 9 -33.21 4.60 7.78
C GLU A 9 -32.28 5.80 7.82
N ILE A 10 -32.10 6.38 8.99
CA ILE A 10 -31.24 7.54 9.16
C ILE A 10 -29.83 7.28 8.61
N SER A 11 -29.07 6.45 9.31
CA SER A 11 -27.70 6.12 8.89
C SER A 11 -27.01 5.24 9.92
N THR A 12 -27.73 4.24 10.42
CA THR A 12 -27.17 3.34 11.42
C THR A 12 -26.33 2.26 10.77
N LEU A 13 -26.85 1.66 9.71
CA LEU A 13 -26.14 0.60 9.01
C LEU A 13 -25.11 1.19 8.04
N PHE A 14 -25.48 2.30 7.41
CA PHE A 14 -24.60 2.97 6.45
C PHE A 14 -23.31 3.44 7.14
N GLU A 15 -23.41 3.77 8.42
CA GLU A 15 -22.27 4.24 9.19
C GLU A 15 -21.39 3.08 9.64
N GLN A 16 -22.02 1.92 9.85
CA GLN A 16 -21.29 0.73 10.29
C GLN A 16 -20.60 0.04 9.11
N ARG A 17 -21.18 0.18 7.93
CA ARG A 17 -20.62 -0.42 6.72
C ARG A 17 -19.42 0.35 6.23
N GLN A 18 -19.55 1.68 6.18
CA GLN A 18 -18.47 2.55 5.72
C GLN A 18 -17.25 2.43 6.63
N ALA A 19 -17.47 1.99 7.86
CA ALA A 19 -16.39 1.84 8.83
C ALA A 19 -15.26 0.98 8.27
N MET A 20 -15.62 -0.03 7.48
CA MET A 20 -14.65 -0.93 6.89
C MET A 20 -13.98 -0.29 5.67
N LEU A 21 -14.72 0.58 5.00
CA LEU A 21 -14.20 1.27 3.81
C LEU A 21 -13.17 2.31 4.19
N GLN A 22 -13.23 2.79 5.42
CA GLN A 22 -12.29 3.80 5.90
C GLN A 22 -10.84 3.33 5.73
N SER A 23 -10.44 2.37 6.56
CA SER A 23 -9.08 1.83 6.51
C SER A 23 -8.04 2.94 6.60
N ILE A 24 -6.79 2.60 6.32
CA ILE A 24 -5.70 3.57 6.37
C ILE A 24 -5.67 4.41 5.10
N LYS A 25 -5.85 5.72 5.25
CA LYS A 25 -5.84 6.64 4.12
C LYS A 25 -4.42 7.14 3.84
N GLU A 26 -3.49 6.21 3.71
CA GLU A 26 -2.09 6.56 3.45
C GLU A 26 -1.79 6.50 1.95
N GLY A 27 -2.71 7.01 1.14
CA GLY A 27 -2.53 7.01 -0.30
C GLY A 27 -2.72 5.63 -0.90
N VAL A 28 -2.75 5.56 -2.23
CA VAL A 28 -2.93 4.30 -2.93
C VAL A 28 -1.93 4.15 -4.06
N VAL A 29 -1.19 3.03 -4.05
CA VAL A 29 -0.19 2.77 -5.08
C VAL A 29 -0.03 1.27 -5.32
N ALA A 30 -0.58 0.79 -6.43
CA ALA A 30 -0.49 -0.63 -6.77
C ALA A 30 0.59 -0.86 -7.81
N VAL A 31 1.31 -1.98 -7.66
CA VAL A 31 2.39 -2.33 -8.58
C VAL A 31 2.19 -3.73 -9.15
N ASP A 32 2.66 -3.94 -10.38
CA ASP A 32 2.53 -5.23 -11.03
C ASP A 32 3.54 -6.23 -10.47
N ASP A 33 3.40 -6.54 -9.18
CA ASP A 33 4.28 -7.48 -8.52
C ASP A 33 5.71 -6.94 -8.47
N ARG A 34 6.41 -7.03 -9.60
CA ARG A 34 7.79 -6.55 -9.68
C ARG A 34 7.86 -5.03 -9.63
N GLY A 35 6.85 -4.38 -10.22
CA GLY A 35 6.82 -2.93 -10.23
C GLY A 35 7.11 -2.34 -11.59
N GLU A 36 6.10 -1.74 -12.21
CA GLU A 36 6.25 -1.14 -13.53
C GLU A 36 6.82 0.27 -13.41
N VAL A 37 6.77 1.01 -14.52
CA VAL A 37 7.28 2.39 -14.54
C VAL A 37 6.15 3.38 -14.82
N THR A 38 4.94 3.02 -14.43
CA THR A 38 3.79 3.90 -14.64
C THR A 38 2.53 3.30 -14.01
N LEU A 39 2.44 3.40 -12.69
CA LEU A 39 1.28 2.87 -11.97
C LEU A 39 1.01 3.69 -10.70
N ILE A 40 0.05 4.59 -10.79
CA ILE A 40 -0.31 5.44 -9.65
C ILE A 40 -1.78 5.82 -9.69
N ASN A 41 -2.40 5.92 -8.52
CA ASN A 41 -3.80 6.29 -8.43
C ASN A 41 -4.01 7.76 -8.79
N ASP A 42 -5.14 8.06 -9.40
CA ASP A 42 -5.46 9.43 -9.80
C ASP A 42 -5.47 10.35 -8.59
N ALA A 43 -5.90 9.82 -7.45
CA ALA A 43 -5.95 10.60 -6.22
C ALA A 43 -4.55 10.80 -5.63
N ALA A 44 -3.70 9.79 -5.81
CA ALA A 44 -2.34 9.85 -5.31
C ALA A 44 -1.51 10.87 -6.07
N GLN A 45 -1.73 10.95 -7.38
CA GLN A 45 -1.01 11.89 -8.23
C GLN A 45 -1.26 13.32 -7.79
N GLU A 46 -2.46 13.58 -7.28
CA GLU A 46 -2.83 14.91 -6.80
C GLU A 46 -2.06 15.27 -5.54
N LEU A 47 -1.71 14.26 -4.75
CA LEU A 47 -0.97 14.48 -3.51
C LEU A 47 0.35 15.19 -3.79
N LEU A 48 0.92 14.93 -4.97
CA LEU A 48 2.19 15.55 -5.35
C LEU A 48 1.97 16.99 -5.80
N ASN A 49 0.92 17.21 -6.58
CA ASN A 49 0.59 18.55 -7.08
C ASN A 49 1.75 19.12 -7.89
N TYR A 50 2.42 18.26 -8.66
CA TYR A 50 3.53 18.68 -9.49
C TYR A 50 3.29 18.34 -10.95
N ARG A 51 3.31 17.06 -11.27
CA ARG A 51 3.08 16.60 -12.65
C ARG A 51 2.83 15.09 -12.69
N LYS A 52 2.33 14.62 -13.82
CA LYS A 52 2.05 13.20 -13.99
C LYS A 52 3.11 12.54 -14.87
N SER A 53 4.33 13.05 -14.81
CA SER A 53 5.43 12.52 -15.59
C SER A 53 6.45 11.82 -14.69
N GLN A 54 6.82 12.48 -13.60
CA GLN A 54 7.78 11.93 -12.66
C GLN A 54 7.13 10.88 -11.76
N ASP A 55 5.85 11.07 -11.48
CA ASP A 55 5.11 10.14 -10.63
C ASP A 55 5.08 8.75 -11.24
N ASP A 56 4.75 8.69 -12.54
CA ASP A 56 4.69 7.41 -13.23
C ASP A 56 6.08 6.97 -13.68
N GLU A 57 6.79 6.28 -12.79
CA GLU A 57 8.14 5.80 -13.08
C GLU A 57 8.53 4.68 -12.13
N LYS A 58 9.77 4.21 -12.27
CA LYS A 58 10.28 3.13 -11.43
C LYS A 58 10.11 3.47 -9.94
N LEU A 59 9.48 2.57 -9.21
CA LEU A 59 9.25 2.76 -7.79
C LEU A 59 9.37 1.45 -7.02
N SER A 60 10.45 0.73 -7.26
CA SER A 60 10.69 -0.56 -6.61
C SER A 60 12.08 -0.59 -5.98
N THR A 61 12.16 -1.10 -4.76
CA THR A 61 13.44 -1.20 -4.06
C THR A 61 14.04 0.18 -3.82
N LEU A 62 14.89 0.28 -2.80
CA LEU A 62 15.53 1.54 -2.46
C LEU A 62 16.68 1.85 -3.42
N SER A 63 17.56 0.86 -3.61
CA SER A 63 18.70 1.01 -4.50
C SER A 63 19.28 -0.35 -4.89
N HIS A 64 19.87 -0.41 -6.07
CA HIS A 64 20.46 -1.65 -6.57
C HIS A 64 21.62 -2.09 -5.68
N SER A 65 21.74 -3.40 -5.49
CA SER A 65 22.81 -3.95 -4.66
C SER A 65 22.94 -5.46 -4.88
N TRP A 66 24.10 -5.89 -5.37
CA TRP A 66 24.36 -7.30 -5.63
C TRP A 66 24.75 -8.01 -4.35
N SER A 67 23.80 -8.14 -3.43
CA SER A 67 24.05 -8.80 -2.15
C SER A 67 23.09 -9.96 -1.94
N GLN A 68 21.80 -9.71 -2.18
CA GLN A 68 20.78 -10.73 -2.01
C GLN A 68 19.43 -10.24 -2.55
N VAL A 69 19.43 -9.74 -3.78
CA VAL A 69 18.21 -9.24 -4.41
C VAL A 69 17.15 -10.32 -4.48
N VAL A 70 17.54 -11.52 -4.90
CA VAL A 70 16.62 -12.63 -5.02
C VAL A 70 15.94 -12.94 -3.68
N ASP A 71 16.65 -12.65 -2.59
CA ASP A 71 16.11 -12.88 -1.25
C ASP A 71 14.91 -11.99 -0.97
N VAL A 72 15.11 -10.68 -1.09
CA VAL A 72 14.04 -9.72 -0.85
C VAL A 72 12.85 -9.97 -1.77
N SER A 73 13.10 -10.64 -2.88
CA SER A 73 12.04 -10.95 -3.85
C SER A 73 11.25 -12.18 -3.43
N GLU A 74 11.87 -13.03 -2.60
CA GLU A 74 11.21 -14.25 -2.14
C GLU A 74 10.11 -13.93 -1.13
N VAL A 75 10.31 -12.87 -0.35
CA VAL A 75 9.34 -12.46 0.66
C VAL A 75 8.01 -12.05 0.02
N LEU A 76 8.08 -11.55 -1.21
CA LEU A 76 6.89 -11.12 -1.93
C LEU A 76 6.19 -12.31 -2.60
N ARG A 77 6.98 -13.34 -2.94
CA ARG A 77 6.44 -14.53 -3.59
C ARG A 77 5.31 -15.14 -2.76
N ASP A 78 5.36 -14.95 -1.45
CA ASP A 78 4.34 -15.48 -0.55
C ASP A 78 3.26 -14.44 -0.28
N GLY A 79 2.01 -14.83 -0.48
CA GLY A 79 0.90 -13.92 -0.24
C GLY A 79 0.81 -13.48 1.21
N THR A 80 1.37 -14.28 2.11
CA THR A 80 1.35 -13.96 3.53
C THR A 80 1.97 -12.59 3.79
N PRO A 81 1.20 -11.68 4.45
CA PRO A 81 1.68 -10.33 4.76
C PRO A 81 2.56 -10.30 6.01
N ARG A 82 3.79 -9.80 5.84
CA ARG A 82 4.73 -9.71 6.94
C ARG A 82 5.68 -8.52 6.74
N ARG A 83 5.87 -7.73 7.78
CA ARG A 83 6.75 -6.56 7.72
C ARG A 83 7.97 -6.73 8.62
N ASP A 84 9.10 -7.09 8.02
CA ASP A 84 10.34 -7.29 8.76
C ASP A 84 11.54 -6.97 7.89
N GLU A 85 12.09 -5.77 8.05
CA GLU A 85 13.23 -5.35 7.25
C GLU A 85 14.11 -4.36 8.00
N GLU A 86 15.41 -4.38 7.70
CA GLU A 86 16.34 -3.47 8.35
C GLU A 86 17.26 -2.82 7.34
N ILE A 87 16.84 -1.62 6.97
CA ILE A 87 17.60 -0.75 6.14
C ILE A 87 17.73 0.45 7.04
N THR A 88 18.83 0.50 7.76
CA THR A 88 18.98 1.55 8.74
C THR A 88 20.01 2.59 8.30
N ILE A 89 19.51 3.75 7.87
CA ILE A 89 20.38 4.84 7.42
C ILE A 89 21.46 5.15 8.46
N LYS A 90 21.16 4.84 9.72
CA LYS A 90 22.10 5.10 10.81
C LYS A 90 22.01 3.98 11.85
N ASP A 91 20.96 4.02 12.65
CA ASP A 91 20.74 3.01 13.68
C ASP A 91 19.25 2.73 13.88
N ARG A 92 18.46 3.09 12.87
CA ARG A 92 17.01 2.88 12.93
C ARG A 92 16.55 2.07 11.73
N LEU A 93 16.56 0.75 11.88
CA LEU A 93 16.16 -0.16 10.81
C LEU A 93 14.88 0.34 10.11
N LEU A 94 14.91 0.42 8.78
CA LEU A 94 13.76 0.89 8.02
C LEU A 94 12.98 -0.27 7.44
N LEU A 95 11.89 -0.63 8.09
CA LEU A 95 11.04 -1.71 7.59
C LEU A 95 9.85 -1.13 6.86
N ILE A 96 9.77 -1.40 5.56
CA ILE A 96 8.70 -0.88 4.74
C ILE A 96 7.61 -1.93 4.56
N ASN A 97 6.38 -1.48 4.38
CA ASN A 97 5.25 -2.39 4.23
C ASN A 97 4.88 -2.61 2.78
N THR A 98 5.25 -3.78 2.27
CA THR A 98 4.94 -4.17 0.89
C THR A 98 4.62 -5.66 0.85
N VAL A 99 3.33 -5.97 0.81
CA VAL A 99 2.88 -7.36 0.78
C VAL A 99 1.72 -7.56 -0.19
N PRO A 100 1.61 -8.78 -0.77
CA PRO A 100 0.55 -9.11 -1.70
C PRO A 100 -0.60 -9.86 -1.04
N VAL A 101 -1.77 -9.24 -1.01
CA VAL A 101 -2.95 -9.85 -0.41
C VAL A 101 -3.79 -10.61 -1.44
N ARG A 102 -3.16 -10.96 -2.56
CA ARG A 102 -3.85 -11.68 -3.62
C ARG A 102 -3.96 -13.16 -3.28
N SER A 103 -5.11 -13.76 -3.62
CA SER A 103 -5.35 -15.16 -3.34
C SER A 103 -4.29 -16.04 -4.02
N ASN A 104 -4.11 -17.25 -3.50
CA ASN A 104 -3.14 -18.18 -4.06
C ASN A 104 -3.43 -18.46 -5.53
N GLY A 105 -2.55 -19.24 -6.16
CA GLY A 105 -2.72 -19.56 -7.56
C GLY A 105 -2.20 -18.47 -8.48
N VAL A 106 -0.89 -18.45 -8.68
CA VAL A 106 -0.27 -17.46 -9.54
C VAL A 106 -0.43 -16.05 -8.96
N ILE A 107 0.36 -15.73 -7.95
CA ILE A 107 0.31 -14.42 -7.31
C ILE A 107 0.70 -13.33 -8.28
N ILE A 108 0.00 -12.19 -8.21
CA ILE A 108 0.27 -11.07 -9.09
C ILE A 108 -0.38 -9.79 -8.56
N GLY A 109 0.37 -8.69 -8.61
CA GLY A 109 -0.15 -7.42 -8.13
C GLY A 109 0.05 -7.24 -6.65
N ALA A 110 0.69 -6.13 -6.26
CA ALA A 110 0.95 -5.84 -4.86
C ALA A 110 0.94 -4.33 -4.61
N ILE A 111 0.55 -3.94 -3.40
CA ILE A 111 0.51 -2.52 -3.04
C ILE A 111 1.67 -2.17 -2.11
N SER A 112 2.29 -1.02 -2.36
CA SER A 112 3.41 -0.56 -1.55
C SER A 112 2.98 0.56 -0.61
N THR A 113 3.63 0.64 0.54
CA THR A 113 3.32 1.67 1.54
C THR A 113 4.50 2.59 1.76
N PHE A 114 4.25 3.90 1.69
CA PHE A 114 5.29 4.89 1.89
C PHE A 114 4.72 6.17 2.49
N ARG A 115 5.40 6.71 3.50
CA ARG A 115 4.95 7.93 4.16
C ARG A 115 6.13 8.87 4.42
N ASP A 116 6.24 9.91 3.61
CA ASP A 116 7.31 10.89 3.76
C ASP A 116 6.76 12.30 3.82
N LYS A 117 7.44 13.17 4.56
CA LYS A 117 7.01 14.56 4.70
C LYS A 117 8.22 15.49 4.83
N THR A 118 7.94 16.78 4.97
CA THR A 118 9.00 17.77 5.09
C THR A 118 8.52 19.00 5.86
N GLY A 1 -14.56 -1.44 26.46
CA GLY A 1 -14.53 -1.41 24.97
C GLY A 1 -15.90 -1.38 24.35
N HIS A 2 -16.20 -0.33 23.61
CA HIS A 2 -17.50 -0.18 22.96
C HIS A 2 -17.42 -0.60 21.49
N MET A 3 -17.57 -1.90 21.24
CA MET A 3 -17.52 -2.42 19.88
C MET A 3 -18.85 -3.04 19.48
N GLY A 4 -18.98 -3.38 18.20
CA GLY A 4 -20.21 -3.98 17.72
C GLY A 4 -20.84 -3.18 16.60
N LEU A 5 -20.12 -3.03 15.50
CA LEU A 5 -20.61 -2.28 14.35
C LEU A 5 -21.86 -2.92 13.77
N GLU A 6 -23.00 -2.25 13.92
CA GLU A 6 -24.27 -2.76 13.42
C GLU A 6 -24.30 -2.73 11.89
N PRO A 7 -24.03 -1.56 11.29
CA PRO A 7 -24.03 -1.40 9.83
C PRO A 7 -23.22 -2.47 9.12
N TYR A 8 -22.18 -2.97 9.80
CA TYR A 8 -21.32 -4.00 9.24
C TYR A 8 -22.00 -5.37 9.34
N GLU A 9 -22.82 -5.55 10.37
CA GLU A 9 -23.52 -6.81 10.58
C GLU A 9 -24.63 -7.00 9.54
N ILE A 10 -25.20 -5.88 9.09
CA ILE A 10 -26.28 -5.92 8.11
C ILE A 10 -25.72 -6.18 6.70
N SER A 11 -24.93 -5.22 6.21
CA SER A 11 -24.33 -5.35 4.88
C SER A 11 -22.94 -4.73 4.86
N THR A 12 -21.93 -5.56 4.63
CA THR A 12 -20.55 -5.09 4.57
C THR A 12 -20.26 -4.34 3.28
N LEU A 13 -21.06 -4.61 2.25
CA LEU A 13 -20.88 -3.96 0.96
C LEU A 13 -21.39 -2.51 1.00
N PHE A 14 -22.42 -2.29 1.82
CA PHE A 14 -23.00 -0.96 1.96
C PHE A 14 -21.99 0.02 2.54
N GLU A 15 -21.46 -0.31 3.71
CA GLU A 15 -20.48 0.54 4.38
C GLU A 15 -19.13 0.51 3.65
N GLN A 16 -18.88 -0.59 2.95
CA GLN A 16 -17.62 -0.75 2.22
C GLN A 16 -17.42 0.41 1.25
N ARG A 17 -18.48 0.77 0.53
CA ARG A 17 -18.41 1.86 -0.44
C ARG A 17 -17.99 3.16 0.24
N GLN A 18 -18.38 3.32 1.49
CA GLN A 18 -18.05 4.51 2.25
C GLN A 18 -16.63 4.42 2.83
N ALA A 19 -16.38 3.35 3.58
CA ALA A 19 -15.07 3.13 4.18
C ALA A 19 -13.98 3.04 3.12
N MET A 20 -14.36 2.52 1.95
CA MET A 20 -13.42 2.38 0.84
C MET A 20 -13.10 3.74 0.22
N LEU A 21 -14.01 4.70 0.39
CA LEU A 21 -13.84 6.04 -0.16
C LEU A 21 -12.48 6.61 0.24
N GLN A 22 -12.24 6.73 1.54
CA GLN A 22 -10.98 7.25 2.04
C GLN A 22 -9.83 6.32 1.70
N SER A 23 -9.97 5.05 2.08
CA SER A 23 -8.95 4.04 1.81
C SER A 23 -7.57 4.53 2.25
N ILE A 24 -7.38 4.63 3.56
CA ILE A 24 -6.10 5.09 4.13
C ILE A 24 -5.99 6.61 4.13
N LYS A 25 -6.30 7.23 2.99
CA LYS A 25 -6.23 8.68 2.86
C LYS A 25 -4.78 9.16 2.86
N GLU A 26 -3.88 8.29 2.40
CA GLU A 26 -2.47 8.61 2.34
C GLU A 26 -1.90 8.31 0.96
N GLY A 27 -2.34 9.06 -0.04
CA GLY A 27 -1.87 8.86 -1.39
C GLY A 27 -2.39 7.57 -1.99
N VAL A 28 -2.73 7.61 -3.28
CA VAL A 28 -3.26 6.43 -3.97
C VAL A 28 -2.21 5.85 -4.91
N VAL A 29 -1.58 4.76 -4.47
CA VAL A 29 -0.55 4.09 -5.27
C VAL A 29 -0.52 2.59 -4.97
N ALA A 30 -1.07 1.80 -5.88
CA ALA A 30 -1.10 0.35 -5.72
C ALA A 30 -0.38 -0.35 -6.86
N VAL A 31 0.22 -1.49 -6.55
CA VAL A 31 0.96 -2.27 -7.55
C VAL A 31 0.21 -3.55 -7.90
N ASP A 32 0.04 -3.80 -9.20
CA ASP A 32 -0.66 -4.98 -9.67
C ASP A 32 0.25 -6.22 -9.59
N ASP A 33 0.62 -6.59 -8.37
CA ASP A 33 1.48 -7.75 -8.15
C ASP A 33 2.88 -7.51 -8.73
N ARG A 34 2.98 -7.60 -10.06
CA ARG A 34 4.26 -7.41 -10.73
C ARG A 34 4.84 -6.02 -10.43
N GLY A 35 3.98 -5.01 -10.47
CA GLY A 35 4.42 -3.66 -10.19
C GLY A 35 4.19 -2.72 -11.37
N GLU A 36 3.48 -1.63 -11.11
CA GLU A 36 3.19 -0.65 -12.16
C GLU A 36 2.71 0.66 -11.56
N VAL A 37 3.40 1.75 -11.89
CA VAL A 37 3.04 3.06 -11.37
C VAL A 37 3.15 4.13 -12.46
N THR A 38 2.80 3.75 -13.69
CA THR A 38 2.85 4.67 -14.82
C THR A 38 1.67 5.63 -14.82
N LEU A 39 0.54 5.16 -14.29
CA LEU A 39 -0.67 5.98 -14.23
C LEU A 39 -0.95 6.44 -12.80
N ILE A 40 -1.19 7.74 -12.64
CA ILE A 40 -1.48 8.31 -11.33
C ILE A 40 -2.95 8.69 -11.21
N ASN A 41 -3.48 8.60 -10.00
CA ASN A 41 -4.88 8.95 -9.74
C ASN A 41 -5.13 10.42 -10.03
N ASP A 42 -6.36 10.86 -9.77
CA ASP A 42 -6.74 12.25 -9.98
C ASP A 42 -6.27 13.13 -8.84
N ALA A 43 -6.77 12.86 -7.64
CA ALA A 43 -6.40 13.62 -6.46
C ALA A 43 -4.94 13.40 -6.08
N ALA A 44 -4.41 12.23 -6.43
CA ALA A 44 -3.03 11.90 -6.13
C ALA A 44 -2.07 12.95 -6.68
N GLN A 45 -2.43 13.53 -7.82
CA GLN A 45 -1.61 14.55 -8.45
C GLN A 45 -1.78 15.90 -7.75
N GLU A 46 -2.99 16.16 -7.28
CA GLU A 46 -3.29 17.42 -6.60
C GLU A 46 -2.73 17.40 -5.17
N LEU A 47 -2.55 16.21 -4.61
CA LEU A 47 -2.03 16.07 -3.26
C LEU A 47 -0.70 16.81 -3.11
N LEU A 48 0.30 16.39 -3.87
CA LEU A 48 1.61 17.02 -3.83
C LEU A 48 1.58 18.37 -4.52
N ASN A 49 1.34 18.37 -5.83
CA ASN A 49 1.29 19.60 -6.61
C ASN A 49 0.93 19.31 -8.05
N TYR A 50 1.76 18.49 -8.71
CA TYR A 50 1.52 18.14 -10.11
C TYR A 50 2.53 17.09 -10.58
N ARG A 51 3.80 17.35 -10.31
CA ARG A 51 4.87 16.43 -10.70
C ARG A 51 4.92 16.27 -12.22
N LYS A 52 6.00 15.69 -12.71
CA LYS A 52 6.17 15.47 -14.15
C LYS A 52 7.16 14.34 -14.41
N SER A 53 7.21 13.37 -13.49
CA SER A 53 8.12 12.25 -13.64
C SER A 53 7.79 11.15 -12.61
N GLN A 54 7.78 11.53 -11.34
CA GLN A 54 7.49 10.59 -10.27
C GLN A 54 6.11 9.96 -10.45
N ASP A 55 5.15 10.79 -10.86
CA ASP A 55 3.78 10.30 -11.07
C ASP A 55 3.75 9.23 -12.15
N ASP A 56 4.67 9.33 -13.11
CA ASP A 56 4.74 8.36 -14.20
C ASP A 56 6.04 7.55 -14.12
N GLU A 57 6.37 6.86 -15.21
CA GLU A 57 7.58 6.05 -15.27
C GLU A 57 7.47 4.85 -14.33
N LYS A 58 8.22 3.79 -14.64
CA LYS A 58 8.21 2.58 -13.83
C LYS A 58 9.20 2.69 -12.68
N LEU A 59 8.70 2.54 -11.45
CA LEU A 59 9.54 2.61 -10.26
C LEU A 59 9.02 1.68 -9.17
N SER A 60 9.64 0.50 -9.07
CA SER A 60 9.23 -0.48 -8.06
C SER A 60 10.35 -0.69 -7.05
N THR A 61 10.20 -1.72 -6.21
CA THR A 61 11.19 -2.04 -5.20
C THR A 61 12.53 -2.36 -5.83
N LEU A 62 13.56 -2.49 -5.00
CA LEU A 62 14.91 -2.79 -5.47
C LEU A 62 15.11 -4.30 -5.62
N SER A 63 14.48 -5.06 -4.72
CA SER A 63 14.60 -6.52 -4.74
C SER A 63 16.05 -6.95 -4.59
N HIS A 64 16.66 -6.56 -3.47
CA HIS A 64 18.05 -6.92 -3.19
C HIS A 64 18.17 -7.70 -1.89
N SER A 65 19.36 -8.23 -1.63
CA SER A 65 19.61 -8.99 -0.41
C SER A 65 20.96 -8.66 0.19
N TRP A 66 20.98 -7.74 1.16
CA TRP A 66 22.21 -7.33 1.82
C TRP A 66 22.26 -7.87 3.24
N SER A 67 21.09 -8.05 3.85
CA SER A 67 21.01 -8.57 5.21
C SER A 67 19.94 -9.64 5.33
N GLN A 68 18.68 -9.21 5.34
CA GLN A 68 17.55 -10.13 5.44
C GLN A 68 16.25 -9.43 5.10
N VAL A 69 16.25 -8.67 4.02
CA VAL A 69 15.08 -7.94 3.58
C VAL A 69 14.12 -8.85 2.80
N VAL A 70 14.69 -9.72 1.98
CA VAL A 70 13.89 -10.65 1.17
C VAL A 70 13.07 -11.57 2.07
N ASP A 71 13.54 -11.79 3.30
CA ASP A 71 12.85 -12.66 4.24
C ASP A 71 11.61 -11.98 4.81
N VAL A 72 11.74 -10.70 5.13
CA VAL A 72 10.62 -9.94 5.69
C VAL A 72 9.63 -9.54 4.60
N SER A 73 10.11 -9.44 3.37
CA SER A 73 9.26 -9.06 2.24
C SER A 73 8.09 -10.02 2.09
N GLU A 74 8.27 -11.25 2.58
CA GLU A 74 7.23 -12.27 2.50
C GLU A 74 5.96 -11.81 3.20
N VAL A 75 6.10 -10.88 4.13
CA VAL A 75 4.95 -10.36 4.88
C VAL A 75 3.87 -9.83 3.93
N LEU A 76 4.30 -9.21 2.84
CA LEU A 76 3.37 -8.66 1.86
C LEU A 76 2.59 -9.77 1.19
N ARG A 77 3.21 -10.93 1.04
CA ARG A 77 2.57 -12.08 0.41
C ARG A 77 1.43 -12.61 1.26
N ASP A 78 1.72 -12.90 2.53
CA ASP A 78 0.71 -13.41 3.45
C ASP A 78 -0.42 -12.41 3.63
N GLY A 79 -0.15 -11.34 4.37
CA GLY A 79 -1.17 -10.32 4.60
C GLY A 79 -1.22 -9.87 6.06
N THR A 80 -0.18 -9.16 6.48
CA THR A 80 -0.11 -8.67 7.85
C THR A 80 0.65 -7.34 7.92
N PRO A 81 -0.08 -6.21 8.03
CA PRO A 81 0.54 -4.88 8.10
C PRO A 81 1.62 -4.78 9.18
N ARG A 82 2.87 -4.65 8.74
CA ARG A 82 3.99 -4.54 9.66
C ARG A 82 5.11 -3.70 9.03
N ARG A 83 5.82 -2.93 9.86
CA ARG A 83 6.90 -2.10 9.36
C ARG A 83 8.26 -2.54 9.89
N ASP A 84 8.98 -3.29 9.07
CA ASP A 84 10.31 -3.79 9.43
C ASP A 84 11.14 -3.97 8.17
N GLU A 85 11.99 -3.00 7.86
CA GLU A 85 12.80 -3.09 6.66
C GLU A 85 14.12 -2.32 6.80
N GLU A 86 15.14 -2.79 6.10
CA GLU A 86 16.45 -2.16 6.12
C GLU A 86 17.13 -2.27 4.78
N ILE A 87 16.94 -1.23 4.02
CA ILE A 87 17.60 -1.04 2.76
C ILE A 87 18.31 0.26 3.02
N THR A 88 19.54 0.15 3.42
CA THR A 88 20.26 1.33 3.81
C THR A 88 21.28 1.75 2.75
N ILE A 89 20.83 2.58 1.82
CA ILE A 89 21.67 3.06 0.73
C ILE A 89 22.99 3.63 1.25
N LYS A 90 22.98 4.12 2.48
CA LYS A 90 24.18 4.68 3.09
C LYS A 90 24.01 4.80 4.60
N ASP A 91 24.02 3.67 5.28
CA ASP A 91 23.86 3.64 6.74
C ASP A 91 22.51 4.22 7.15
N ARG A 92 21.58 4.30 6.21
CA ARG A 92 20.26 4.83 6.47
C ARG A 92 19.20 3.82 6.07
N LEU A 93 18.97 2.83 6.93
CA LEU A 93 17.99 1.78 6.68
C LEU A 93 16.67 2.37 6.19
N LEU A 94 16.19 1.91 5.04
CA LEU A 94 14.93 2.41 4.49
C LEU A 94 13.79 1.45 4.80
N LEU A 95 12.61 2.00 5.05
CA LEU A 95 11.45 1.20 5.35
C LEU A 95 10.21 1.82 4.70
N ILE A 96 9.76 1.18 3.62
CA ILE A 96 8.60 1.65 2.89
C ILE A 96 7.35 0.86 3.29
N ASN A 97 6.20 1.50 3.21
CA ASN A 97 4.94 0.84 3.60
C ASN A 97 4.19 0.32 2.39
N THR A 98 4.09 -1.01 2.31
CA THR A 98 3.39 -1.67 1.23
C THR A 98 2.51 -2.80 1.78
N VAL A 99 1.22 -2.52 1.93
CA VAL A 99 0.29 -3.51 2.46
C VAL A 99 -0.58 -4.11 1.36
N PRO A 100 -1.00 -5.37 1.54
CA PRO A 100 -1.84 -6.08 0.57
C PRO A 100 -3.32 -6.04 0.95
N VAL A 101 -4.18 -6.02 -0.06
CA VAL A 101 -5.63 -5.98 0.16
C VAL A 101 -6.07 -7.08 1.11
N ARG A 102 -6.85 -6.71 2.12
CA ARG A 102 -7.35 -7.66 3.11
C ARG A 102 -8.58 -8.39 2.59
N SER A 103 -8.37 -9.34 1.67
CA SER A 103 -9.47 -10.11 1.11
C SER A 103 -9.84 -11.28 2.00
N ASN A 104 -11.01 -11.85 1.77
CA ASN A 104 -11.48 -12.99 2.56
C ASN A 104 -11.09 -14.32 1.90
N GLY A 105 -11.10 -14.34 0.58
CA GLY A 105 -10.74 -15.55 -0.15
C GLY A 105 -9.55 -15.35 -1.05
N VAL A 106 -8.40 -15.86 -0.64
CA VAL A 106 -7.17 -15.74 -1.42
C VAL A 106 -6.75 -14.28 -1.55
N ILE A 107 -5.50 -14.00 -1.20
CA ILE A 107 -4.97 -12.65 -1.28
C ILE A 107 -4.33 -12.39 -2.65
N ILE A 108 -4.72 -11.28 -3.28
CA ILE A 108 -4.18 -10.93 -4.58
C ILE A 108 -3.98 -9.41 -4.70
N GLY A 109 -2.82 -9.02 -5.20
CA GLY A 109 -2.52 -7.61 -5.35
C GLY A 109 -1.81 -7.02 -4.15
N ALA A 110 -1.10 -5.92 -4.35
CA ALA A 110 -0.37 -5.26 -3.28
C ALA A 110 -0.42 -3.75 -3.42
N ILE A 111 -0.59 -3.05 -2.30
CA ILE A 111 -0.68 -1.60 -2.30
C ILE A 111 0.65 -0.97 -1.83
N SER A 112 0.98 0.19 -2.39
CA SER A 112 2.21 0.88 -2.03
C SER A 112 1.89 2.18 -1.30
N THR A 113 2.77 2.56 -0.37
CA THR A 113 2.59 3.79 0.40
C THR A 113 3.93 4.42 0.74
N PHE A 114 4.04 5.73 0.51
CA PHE A 114 5.27 6.45 0.80
C PHE A 114 4.97 7.84 1.35
N ARG A 115 5.42 8.09 2.58
CA ARG A 115 5.19 9.39 3.22
C ARG A 115 6.33 9.71 4.18
N ASP A 116 7.21 10.62 3.76
CA ASP A 116 8.35 11.02 4.58
C ASP A 116 8.33 12.52 4.82
N LYS A 117 8.48 12.91 6.09
CA LYS A 117 8.49 14.33 6.45
C LYS A 117 9.17 14.53 7.80
N THR A 118 10.21 13.74 8.06
CA THR A 118 10.95 13.86 9.31
C THR A 118 11.57 15.23 9.48
N GLY A 1 -23.36 -20.68 19.37
CA GLY A 1 -24.27 -20.72 18.18
C GLY A 1 -25.67 -21.19 18.54
N HIS A 2 -26.30 -20.52 19.49
CA HIS A 2 -27.64 -20.89 19.92
C HIS A 2 -28.22 -19.82 20.85
N MET A 3 -27.93 -18.56 20.56
CA MET A 3 -28.42 -17.44 21.36
C MET A 3 -29.44 -16.63 20.58
N GLY A 4 -29.22 -16.51 19.27
CA GLY A 4 -30.13 -15.75 18.43
C GLY A 4 -29.51 -14.46 17.93
N LEU A 5 -28.67 -14.56 16.91
CA LEU A 5 -28.02 -13.39 16.33
C LEU A 5 -27.90 -13.52 14.82
N GLU A 6 -28.91 -14.13 14.21
CA GLU A 6 -28.92 -14.33 12.76
C GLU A 6 -28.91 -12.99 12.02
N PRO A 7 -29.95 -12.15 12.25
CA PRO A 7 -30.05 -10.84 11.60
C PRO A 7 -28.97 -9.87 12.06
N TYR A 8 -28.76 -9.80 13.37
CA TYR A 8 -27.75 -8.90 13.93
C TYR A 8 -26.37 -9.21 13.36
N GLU A 9 -26.09 -10.48 13.13
CA GLU A 9 -24.81 -10.90 12.58
C GLU A 9 -24.56 -10.26 11.22
N ILE A 10 -25.63 -10.10 10.44
CA ILE A 10 -25.52 -9.50 9.11
C ILE A 10 -25.22 -8.01 9.21
N SER A 11 -26.18 -7.26 9.73
CA SER A 11 -26.02 -5.80 9.87
C SER A 11 -25.69 -5.16 8.53
N THR A 12 -26.72 -4.83 7.77
CA THR A 12 -26.55 -4.21 6.47
C THR A 12 -26.21 -2.73 6.61
N LEU A 13 -26.75 -2.11 7.65
CA LEU A 13 -26.51 -0.68 7.90
C LEU A 13 -25.07 -0.45 8.31
N PHE A 14 -24.46 -1.43 8.97
CA PHE A 14 -23.08 -1.32 9.43
C PHE A 14 -22.12 -1.44 8.24
N GLU A 15 -22.52 -2.21 7.23
CA GLU A 15 -21.69 -2.41 6.05
C GLU A 15 -21.45 -1.08 5.33
N GLN A 16 -22.52 -0.34 5.08
CA GLN A 16 -22.42 0.94 4.39
C GLN A 16 -21.65 1.96 5.24
N ARG A 17 -21.79 1.83 6.56
CA ARG A 17 -21.10 2.74 7.48
C ARG A 17 -19.60 2.46 7.52
N GLN A 18 -19.24 1.18 7.52
CA GLN A 18 -17.84 0.78 7.56
C GLN A 18 -17.15 1.02 6.22
N ALA A 19 -17.93 0.92 5.13
CA ALA A 19 -17.41 1.12 3.79
C ALA A 19 -16.67 2.45 3.67
N MET A 20 -17.07 3.42 4.49
CA MET A 20 -16.45 4.74 4.47
C MET A 20 -14.95 4.65 4.75
N LEU A 21 -14.53 3.57 5.39
CA LEU A 21 -13.12 3.37 5.72
C LEU A 21 -12.23 3.52 4.48
N GLN A 22 -12.80 3.25 3.31
CA GLN A 22 -12.06 3.37 2.06
C GLN A 22 -11.53 4.79 1.86
N SER A 23 -12.25 5.76 2.40
CA SER A 23 -11.85 7.16 2.28
C SER A 23 -10.54 7.43 3.02
N ILE A 24 -9.48 7.69 2.26
CA ILE A 24 -8.17 7.97 2.83
C ILE A 24 -7.37 8.90 1.94
N LYS A 25 -6.63 9.82 2.56
CA LYS A 25 -5.81 10.77 1.82
C LYS A 25 -4.76 10.08 0.97
N GLU A 26 -4.44 8.83 1.33
CA GLU A 26 -3.44 8.05 0.60
C GLU A 26 -3.78 7.98 -0.88
N GLY A 27 -2.81 8.32 -1.73
CA GLY A 27 -3.03 8.28 -3.16
C GLY A 27 -3.28 6.88 -3.66
N VAL A 28 -2.91 6.62 -4.91
CA VAL A 28 -3.10 5.30 -5.52
C VAL A 28 -1.95 4.93 -6.42
N VAL A 29 -1.19 3.90 -6.02
CA VAL A 29 -0.06 3.43 -6.80
C VAL A 29 0.09 1.92 -6.71
N ALA A 30 -0.21 1.24 -7.80
CA ALA A 30 -0.12 -0.22 -7.85
C ALA A 30 1.05 -0.67 -8.72
N VAL A 31 1.68 -1.78 -8.35
CA VAL A 31 2.80 -2.31 -9.10
C VAL A 31 2.44 -3.64 -9.75
N ASP A 32 3.08 -3.93 -10.89
CA ASP A 32 2.82 -5.15 -11.62
C ASP A 32 3.12 -6.37 -10.76
N ASP A 33 4.40 -6.71 -10.62
CA ASP A 33 4.80 -7.85 -9.83
C ASP A 33 6.07 -7.54 -9.03
N ARG A 34 7.19 -7.49 -9.74
CA ARG A 34 8.48 -7.20 -9.11
C ARG A 34 8.48 -5.82 -8.45
N GLY A 35 7.80 -4.88 -9.10
CA GLY A 35 7.73 -3.53 -8.57
C GLY A 35 8.06 -2.48 -9.61
N GLU A 36 7.32 -2.51 -10.72
CA GLU A 36 7.54 -1.56 -11.81
C GLU A 36 6.56 -0.39 -11.71
N VAL A 37 7.04 0.73 -11.19
CA VAL A 37 6.22 1.92 -11.05
C VAL A 37 6.19 2.73 -12.33
N THR A 38 5.38 2.28 -13.29
CA THR A 38 5.26 2.96 -14.57
C THR A 38 3.91 3.66 -14.72
N LEU A 39 2.92 3.18 -13.96
CA LEU A 39 1.59 3.76 -14.00
C LEU A 39 1.36 4.71 -12.83
N ILE A 40 0.58 5.76 -13.07
CA ILE A 40 0.28 6.75 -12.04
C ILE A 40 -1.15 7.26 -12.18
N ASN A 41 -1.82 7.46 -11.05
CA ASN A 41 -3.20 7.95 -11.05
C ASN A 41 -3.25 9.41 -11.45
N ASP A 42 -4.43 9.86 -11.89
CA ASP A 42 -4.62 11.23 -12.32
C ASP A 42 -4.34 12.20 -11.17
N ALA A 43 -4.81 11.84 -9.97
CA ALA A 43 -4.61 12.67 -8.80
C ALA A 43 -3.19 12.50 -8.25
N ALA A 44 -2.62 11.33 -8.44
CA ALA A 44 -1.27 11.03 -7.96
C ALA A 44 -0.27 12.02 -8.56
N GLN A 45 -0.41 12.29 -9.86
CA GLN A 45 0.49 13.22 -10.54
C GLN A 45 0.43 14.60 -9.91
N GLU A 46 -0.74 14.96 -9.37
CA GLU A 46 -0.92 16.26 -8.74
C GLU A 46 -0.14 16.34 -7.44
N LEU A 47 -0.15 15.26 -6.67
CA LEU A 47 0.56 15.22 -5.40
C LEU A 47 2.05 15.50 -5.60
N LEU A 48 2.56 15.08 -6.75
CA LEU A 48 3.97 15.28 -7.07
C LEU A 48 4.26 16.75 -7.36
N ASN A 49 3.23 17.50 -7.72
CA ASN A 49 3.38 18.93 -8.04
C ASN A 49 4.11 19.11 -9.36
N TYR A 50 5.37 18.69 -9.40
CA TYR A 50 6.19 18.80 -10.60
C TYR A 50 5.97 17.61 -11.52
N ARG A 51 5.95 17.86 -12.82
CA ARG A 51 5.74 16.80 -13.80
C ARG A 51 7.06 16.34 -14.39
N LYS A 52 7.89 15.71 -13.56
CA LYS A 52 9.19 15.21 -14.00
C LYS A 52 9.10 13.73 -14.40
N SER A 53 10.25 13.11 -14.59
CA SER A 53 10.30 11.70 -14.97
C SER A 53 10.43 10.80 -13.74
N GLN A 54 10.13 11.34 -12.57
CA GLN A 54 10.22 10.58 -11.33
C GLN A 54 8.96 9.73 -11.13
N ASP A 55 7.83 10.23 -11.64
CA ASP A 55 6.56 9.51 -11.52
C ASP A 55 6.64 8.15 -12.19
N ASP A 56 7.29 8.11 -13.35
CA ASP A 56 7.44 6.86 -14.10
C ASP A 56 8.75 6.17 -13.76
N GLU A 57 8.86 4.89 -14.11
CA GLU A 57 10.06 4.12 -13.83
C GLU A 57 10.31 4.01 -12.33
N LYS A 58 11.53 3.64 -11.96
CA LYS A 58 11.89 3.50 -10.55
C LYS A 58 11.16 2.33 -9.91
N LEU A 59 11.87 1.59 -9.06
CA LEU A 59 11.28 0.44 -8.38
C LEU A 59 10.69 0.85 -7.02
N SER A 60 9.96 -0.07 -6.41
CA SER A 60 9.35 0.18 -5.11
C SER A 60 10.39 0.15 -4.00
N THR A 61 10.85 -1.05 -3.66
CA THR A 61 11.85 -1.21 -2.62
C THR A 61 13.14 -0.47 -2.94
N LEU A 62 13.73 0.15 -1.94
CA LEU A 62 14.97 0.90 -2.12
C LEU A 62 16.14 0.19 -1.44
N SER A 63 16.96 -0.49 -2.24
CA SER A 63 18.11 -1.20 -1.71
C SER A 63 19.30 -1.07 -2.66
N HIS A 64 20.21 -0.15 -2.33
CA HIS A 64 21.40 0.07 -3.14
C HIS A 64 22.41 -1.05 -2.97
N SER A 65 22.10 -2.21 -3.53
CA SER A 65 22.98 -3.38 -3.45
C SER A 65 23.33 -3.69 -2.00
N TRP A 66 22.30 -3.98 -1.21
CA TRP A 66 22.49 -4.31 0.21
C TRP A 66 21.39 -5.23 0.72
N SER A 67 21.79 -6.38 1.27
CA SER A 67 20.84 -7.35 1.79
C SER A 67 19.91 -7.85 0.68
N GLN A 68 19.09 -8.84 1.01
CA GLN A 68 18.16 -9.41 0.06
C GLN A 68 16.73 -8.96 0.34
N VAL A 69 16.36 -7.80 -0.18
CA VAL A 69 15.02 -7.25 0.02
C VAL A 69 13.99 -8.01 -0.80
N VAL A 70 14.44 -8.65 -1.87
CA VAL A 70 13.55 -9.41 -2.74
C VAL A 70 13.09 -10.70 -2.07
N ASP A 71 13.88 -11.20 -1.12
CA ASP A 71 13.55 -12.42 -0.40
C ASP A 71 12.39 -12.19 0.56
N VAL A 72 12.44 -11.07 1.27
CA VAL A 72 11.40 -10.72 2.22
C VAL A 72 10.06 -10.45 1.52
N SER A 73 10.15 -10.08 0.25
CA SER A 73 8.95 -9.80 -0.54
C SER A 73 7.99 -10.99 -0.56
N GLU A 74 8.53 -12.18 -0.31
CA GLU A 74 7.74 -13.40 -0.31
C GLU A 74 6.51 -13.25 0.58
N VAL A 75 6.60 -12.39 1.59
CA VAL A 75 5.48 -12.16 2.50
C VAL A 75 4.25 -11.68 1.75
N LEU A 76 4.45 -11.03 0.61
CA LEU A 76 3.35 -10.52 -0.19
C LEU A 76 2.75 -11.65 -1.03
N ARG A 77 3.58 -12.60 -1.42
CA ARG A 77 3.12 -13.73 -2.22
C ARG A 77 2.14 -14.60 -1.43
N ASP A 78 2.58 -15.05 -0.26
CA ASP A 78 1.74 -15.89 0.59
C ASP A 78 0.48 -15.15 1.00
N GLY A 79 0.59 -13.83 1.13
CA GLY A 79 -0.55 -13.03 1.52
C GLY A 79 -0.70 -12.92 3.02
N THR A 80 0.40 -12.66 3.71
CA THR A 80 0.40 -12.54 5.16
C THR A 80 0.83 -11.14 5.59
N PRO A 81 -0.13 -10.29 5.99
CA PRO A 81 0.16 -8.92 6.43
C PRO A 81 1.14 -8.88 7.61
N ARG A 82 2.26 -8.18 7.41
CA ARG A 82 3.27 -8.06 8.45
C ARG A 82 4.00 -6.72 8.34
N ARG A 83 4.46 -6.19 9.46
CA ARG A 83 5.17 -4.91 9.46
C ARG A 83 6.55 -5.03 10.09
N ASP A 84 7.57 -5.15 9.24
CA ASP A 84 8.95 -5.25 9.69
C ASP A 84 9.88 -4.68 8.62
N GLU A 85 10.29 -3.43 8.79
CA GLU A 85 11.17 -2.79 7.81
C GLU A 85 12.06 -1.74 8.45
N GLU A 86 13.24 -1.54 7.87
CA GLU A 86 14.19 -0.56 8.37
C GLU A 86 14.94 0.10 7.24
N ILE A 87 14.40 1.23 6.88
CA ILE A 87 14.99 2.12 5.93
C ILE A 87 15.07 3.38 6.73
N THR A 88 16.20 3.60 7.33
CA THR A 88 16.33 4.72 8.23
C THR A 88 17.19 5.83 7.64
N ILE A 89 16.54 6.74 6.91
CA ILE A 89 17.23 7.86 6.26
C ILE A 89 18.15 8.60 7.24
N LYS A 90 17.69 8.79 8.47
CA LYS A 90 18.48 9.49 9.47
C LYS A 90 18.83 8.57 10.63
N ASP A 91 17.83 7.87 11.14
CA ASP A 91 18.03 6.94 12.25
C ASP A 91 16.74 6.17 12.54
N ARG A 92 15.61 6.86 12.43
CA ARG A 92 14.32 6.24 12.67
C ARG A 92 13.92 5.36 11.49
N LEU A 93 14.12 4.05 11.64
CA LEU A 93 13.80 3.08 10.60
C LEU A 93 12.43 3.39 9.97
N LEU A 94 12.35 3.30 8.64
CA LEU A 94 11.11 3.57 7.93
C LEU A 94 10.40 2.26 7.57
N LEU A 95 9.12 2.18 7.89
CA LEU A 95 8.33 1.00 7.58
C LEU A 95 7.12 1.37 6.74
N ILE A 96 7.16 0.98 5.48
CA ILE A 96 6.08 1.27 4.55
C ILE A 96 5.16 0.05 4.41
N ASN A 97 3.88 0.29 4.13
CA ASN A 97 2.92 -0.78 4.01
C ASN A 97 2.66 -1.17 2.56
N THR A 98 2.67 -2.47 2.31
CA THR A 98 2.43 -3.00 0.97
C THR A 98 1.77 -4.38 1.06
N VAL A 99 0.45 -4.40 0.88
CA VAL A 99 -0.30 -5.65 0.97
C VAL A 99 -0.64 -6.20 -0.41
N PRO A 100 -0.77 -7.53 -0.54
CA PRO A 100 -1.08 -8.18 -1.80
C PRO A 100 -2.57 -8.51 -1.93
N VAL A 101 -3.25 -7.78 -2.82
CA VAL A 101 -4.68 -7.96 -3.05
C VAL A 101 -5.46 -8.03 -1.74
N ARG A 102 -6.77 -8.27 -1.86
CA ARG A 102 -7.64 -8.37 -0.69
C ARG A 102 -8.33 -9.73 -0.63
N SER A 103 -7.64 -10.75 -1.11
CA SER A 103 -8.17 -12.10 -1.12
C SER A 103 -7.15 -13.10 -0.60
N ASN A 104 -7.53 -14.38 -0.59
CA ASN A 104 -6.64 -15.43 -0.11
C ASN A 104 -6.56 -16.57 -1.12
N GLY A 105 -5.35 -16.92 -1.53
CA GLY A 105 -5.15 -18.00 -2.48
C GLY A 105 -4.13 -17.66 -3.54
N VAL A 106 -4.59 -17.14 -4.67
CA VAL A 106 -3.70 -16.78 -5.77
C VAL A 106 -3.59 -15.26 -5.90
N ILE A 107 -2.37 -14.74 -5.77
CA ILE A 107 -2.14 -13.30 -5.88
C ILE A 107 -1.41 -12.97 -7.18
N ILE A 108 -2.11 -12.29 -8.08
CA ILE A 108 -1.53 -11.91 -9.36
C ILE A 108 -0.68 -10.64 -9.22
N GLY A 109 -1.34 -9.52 -8.93
CA GLY A 109 -0.63 -8.27 -8.77
C GLY A 109 -0.50 -7.86 -7.31
N ALA A 110 0.44 -6.94 -7.05
CA ALA A 110 0.66 -6.46 -5.68
C ALA A 110 0.49 -4.95 -5.60
N ILE A 111 -0.17 -4.49 -4.54
CA ILE A 111 -0.39 -3.06 -4.34
C ILE A 111 0.54 -2.51 -3.27
N SER A 112 1.09 -1.33 -3.54
CA SER A 112 2.01 -0.67 -2.60
C SER A 112 1.39 0.59 -2.03
N THR A 113 1.67 0.85 -0.75
CA THR A 113 1.15 2.03 -0.08
C THR A 113 2.26 3.04 0.21
N PHE A 114 1.99 4.30 -0.09
CA PHE A 114 2.96 5.37 0.13
C PHE A 114 2.28 6.63 0.63
N ARG A 115 2.92 7.30 1.60
CA ARG A 115 2.37 8.53 2.16
C ARG A 115 3.48 9.46 2.61
N ASP A 116 3.51 10.66 2.02
CA ASP A 116 4.52 11.66 2.34
C ASP A 116 3.88 12.89 2.98
N LYS A 117 4.07 13.04 4.29
CA LYS A 117 3.51 14.17 5.02
C LYS A 117 1.99 14.14 5.00
N THR A 118 1.40 14.55 3.88
CA THR A 118 -0.04 14.56 3.73
C THR A 118 -0.48 13.72 2.54
N GLY A 1 -43.13 -5.51 1.00
CA GLY A 1 -43.48 -6.84 0.43
C GLY A 1 -42.99 -7.99 1.30
N HIS A 2 -41.87 -8.58 0.92
CA HIS A 2 -41.30 -9.70 1.67
C HIS A 2 -39.79 -9.59 1.75
N MET A 3 -39.16 -9.29 0.63
CA MET A 3 -37.70 -9.14 0.57
C MET A 3 -37.23 -8.05 1.52
N GLY A 4 -37.92 -6.92 1.52
CA GLY A 4 -37.55 -5.82 2.37
C GLY A 4 -37.93 -6.06 3.83
N LEU A 5 -37.07 -6.79 4.53
CA LEU A 5 -37.31 -7.10 5.94
C LEU A 5 -36.01 -7.18 6.71
N GLU A 6 -35.21 -8.20 6.42
CA GLU A 6 -33.92 -8.39 7.09
C GLU A 6 -32.85 -7.50 6.46
N PRO A 7 -32.69 -7.57 5.14
CA PRO A 7 -31.70 -6.76 4.42
C PRO A 7 -31.76 -5.27 4.80
N TYR A 8 -32.97 -4.79 5.02
CA TYR A 8 -33.18 -3.38 5.38
C TYR A 8 -32.75 -3.14 6.83
N GLU A 9 -32.88 -4.17 7.67
CA GLU A 9 -32.52 -4.06 9.07
C GLU A 9 -31.01 -4.01 9.24
N ILE A 10 -30.30 -4.88 8.52
CA ILE A 10 -28.85 -4.92 8.58
C ILE A 10 -28.22 -3.67 7.97
N SER A 11 -28.91 -3.09 6.99
CA SER A 11 -28.43 -1.89 6.32
C SER A 11 -27.09 -2.14 5.66
N THR A 12 -27.12 -2.59 4.41
CA THR A 12 -25.90 -2.87 3.67
C THR A 12 -25.29 -1.58 3.11
N LEU A 13 -26.13 -0.57 2.89
CA LEU A 13 -25.66 0.71 2.37
C LEU A 13 -24.58 1.30 3.26
N PHE A 14 -24.66 1.00 4.55
CA PHE A 14 -23.69 1.51 5.52
C PHE A 14 -22.40 0.68 5.48
N GLU A 15 -22.55 -0.63 5.45
CA GLU A 15 -21.40 -1.53 5.43
C GLU A 15 -20.54 -1.28 4.19
N GLN A 16 -21.20 -0.93 3.08
CA GLN A 16 -20.49 -0.66 1.83
C GLN A 16 -19.52 0.50 2.00
N ARG A 17 -20.06 1.69 2.28
CA ARG A 17 -19.23 2.87 2.47
C ARG A 17 -18.28 2.70 3.64
N GLN A 18 -18.67 1.85 4.59
CA GLN A 18 -17.85 1.59 5.77
C GLN A 18 -16.42 1.22 5.38
N ALA A 19 -16.27 0.61 4.22
CA ALA A 19 -14.95 0.21 3.73
C ALA A 19 -14.13 1.43 3.33
N MET A 20 -14.70 2.28 2.49
CA MET A 20 -14.01 3.49 2.04
C MET A 20 -13.98 4.55 3.13
N LEU A 21 -14.91 4.44 4.08
CA LEU A 21 -14.98 5.39 5.18
C LEU A 21 -13.65 5.50 5.91
N GLN A 22 -12.91 4.40 5.97
CA GLN A 22 -11.62 4.37 6.63
C GLN A 22 -10.59 5.20 5.87
N SER A 23 -10.32 4.79 4.63
CA SER A 23 -9.36 5.50 3.78
C SER A 23 -7.97 5.48 4.41
N ILE A 24 -6.95 5.62 3.58
CA ILE A 24 -5.57 5.61 4.04
C ILE A 24 -4.89 6.94 3.75
N LYS A 25 -4.20 7.48 4.75
CA LYS A 25 -3.50 8.76 4.60
C LYS A 25 -2.03 8.54 4.30
N GLU A 26 -1.74 7.51 3.51
CA GLU A 26 -0.37 7.19 3.14
C GLU A 26 -0.23 7.01 1.63
N GLY A 27 -0.99 7.80 0.89
CA GLY A 27 -0.95 7.72 -0.57
C GLY A 27 -1.75 6.55 -1.11
N VAL A 28 -1.95 6.53 -2.42
CA VAL A 28 -2.71 5.47 -3.08
C VAL A 28 -1.89 4.83 -4.20
N VAL A 29 -1.37 3.65 -3.93
CA VAL A 29 -0.57 2.93 -4.92
C VAL A 29 -0.69 1.42 -4.72
N ALA A 30 -1.41 0.76 -5.64
CA ALA A 30 -1.59 -0.68 -5.58
C ALA A 30 -0.90 -1.39 -6.73
N VAL A 31 -0.27 -2.51 -6.44
CA VAL A 31 0.44 -3.29 -7.46
C VAL A 31 -0.25 -4.63 -7.69
N ASP A 32 -0.17 -5.14 -8.92
CA ASP A 32 -0.77 -6.41 -9.27
C ASP A 32 0.06 -7.58 -8.72
N ASP A 33 0.14 -7.65 -7.40
CA ASP A 33 0.89 -8.71 -6.75
C ASP A 33 2.33 -8.79 -7.29
N ARG A 34 2.83 -7.68 -7.80
CA ARG A 34 4.19 -7.64 -8.34
C ARG A 34 4.77 -6.24 -8.22
N GLY A 35 4.32 -5.33 -9.07
CA GLY A 35 4.82 -3.97 -9.04
C GLY A 35 4.52 -3.21 -10.31
N GLU A 36 3.26 -3.25 -10.74
CA GLU A 36 2.84 -2.57 -11.95
C GLU A 36 2.37 -1.15 -11.65
N VAL A 37 3.32 -0.22 -11.53
CA VAL A 37 3.00 1.17 -11.25
C VAL A 37 2.46 1.87 -12.49
N THR A 38 1.42 2.67 -12.29
CA THR A 38 0.80 3.41 -13.40
C THR A 38 -0.45 4.15 -12.93
N LEU A 39 -1.16 3.56 -11.98
CA LEU A 39 -2.38 4.18 -11.45
C LEU A 39 -2.09 4.87 -10.12
N ILE A 40 -2.29 6.18 -10.09
CA ILE A 40 -2.05 6.97 -8.89
C ILE A 40 -3.09 8.07 -8.74
N ASN A 41 -3.45 8.37 -7.49
CA ASN A 41 -4.45 9.42 -7.21
C ASN A 41 -3.87 10.80 -7.52
N ASP A 42 -4.77 11.76 -7.72
CA ASP A 42 -4.35 13.13 -8.01
C ASP A 42 -3.62 13.74 -6.82
N ALA A 43 -4.13 13.49 -5.62
CA ALA A 43 -3.54 14.01 -4.40
C ALA A 43 -2.25 13.26 -4.06
N ALA A 44 -2.20 11.99 -4.45
CA ALA A 44 -1.04 11.15 -4.18
C ALA A 44 0.21 11.69 -4.89
N GLN A 45 0.05 12.07 -6.15
CA GLN A 45 1.15 12.61 -6.94
C GLN A 45 1.78 13.81 -6.26
N GLU A 46 0.95 14.62 -5.60
CA GLU A 46 1.41 15.81 -4.90
C GLU A 46 2.38 15.43 -3.77
N LEU A 47 2.15 14.27 -3.18
CA LEU A 47 3.00 13.80 -2.09
C LEU A 47 4.42 13.49 -2.61
N LEU A 48 4.50 13.00 -3.84
CA LEU A 48 5.78 12.67 -4.44
C LEU A 48 6.52 13.94 -4.86
N ASN A 49 5.77 14.94 -5.30
CA ASN A 49 6.34 16.21 -5.73
C ASN A 49 7.29 16.01 -6.91
N TYR A 50 7.65 17.11 -7.56
CA TYR A 50 8.55 17.05 -8.71
C TYR A 50 7.91 16.27 -9.86
N ARG A 51 7.91 16.89 -11.04
CA ARG A 51 7.32 16.25 -12.22
C ARG A 51 5.85 15.94 -12.02
N LYS A 52 5.27 15.23 -12.97
CA LYS A 52 3.85 14.87 -12.89
C LYS A 52 3.61 13.48 -13.49
N SER A 53 3.84 13.35 -14.79
CA SER A 53 3.65 12.09 -15.48
C SER A 53 4.74 11.09 -15.10
N GLN A 54 5.93 11.59 -14.80
CA GLN A 54 7.04 10.75 -14.41
C GLN A 54 6.75 10.02 -13.10
N ASP A 55 5.97 10.65 -12.24
CA ASP A 55 5.62 10.07 -10.96
C ASP A 55 4.88 8.73 -11.15
N ASP A 56 4.11 8.65 -12.23
CA ASP A 56 3.36 7.44 -12.52
C ASP A 56 4.29 6.24 -12.70
N GLU A 57 5.01 6.22 -13.83
CA GLU A 57 5.93 5.14 -14.12
C GLU A 57 7.38 5.57 -13.83
N LYS A 58 7.80 5.41 -12.58
CA LYS A 58 9.15 5.78 -12.19
C LYS A 58 10.10 4.61 -12.35
N LEU A 59 10.10 3.69 -11.39
CA LEU A 59 10.98 2.53 -11.44
C LEU A 59 10.73 1.60 -10.26
N SER A 60 9.48 1.52 -9.82
CA SER A 60 9.10 0.67 -8.69
C SER A 60 9.95 0.96 -7.46
N THR A 61 11.12 0.31 -7.37
CA THR A 61 12.02 0.51 -6.25
C THR A 61 13.47 0.25 -6.67
N LEU A 62 14.13 1.28 -7.21
CA LEU A 62 15.51 1.15 -7.65
C LEU A 62 15.63 0.10 -8.74
N SER A 63 16.85 -0.10 -9.23
CA SER A 63 17.11 -1.10 -10.27
C SER A 63 17.26 -2.48 -9.67
N HIS A 64 16.14 -3.10 -9.33
CA HIS A 64 16.15 -4.44 -8.74
C HIS A 64 16.65 -5.47 -9.75
N SER A 65 17.64 -6.26 -9.35
CA SER A 65 18.20 -7.29 -10.22
C SER A 65 17.95 -8.67 -9.64
N TRP A 66 18.45 -9.70 -10.35
CA TRP A 66 18.28 -11.08 -9.91
C TRP A 66 19.27 -11.41 -8.80
N SER A 67 19.01 -10.89 -7.60
CA SER A 67 19.88 -11.14 -6.45
C SER A 67 19.13 -11.92 -5.37
N GLN A 68 18.10 -11.31 -4.81
CA GLN A 68 17.30 -11.94 -3.77
C GLN A 68 15.86 -11.44 -3.80
N VAL A 69 15.33 -11.28 -5.01
CA VAL A 69 13.95 -10.82 -5.17
C VAL A 69 12.96 -11.76 -4.48
N VAL A 70 13.20 -13.06 -4.63
CA VAL A 70 12.33 -14.06 -4.01
C VAL A 70 12.34 -13.93 -2.49
N ASP A 71 13.47 -13.50 -1.95
CA ASP A 71 13.62 -13.35 -0.50
C ASP A 71 12.67 -12.26 0.02
N VAL A 72 12.53 -11.18 -0.75
CA VAL A 72 11.66 -10.07 -0.35
C VAL A 72 10.20 -10.40 -0.64
N SER A 73 9.95 -11.10 -1.74
CA SER A 73 8.59 -11.47 -2.12
C SER A 73 7.93 -12.30 -1.04
N GLU A 74 8.73 -13.07 -0.31
CA GLU A 74 8.22 -13.92 0.75
C GLU A 74 7.55 -13.09 1.84
N VAL A 75 8.28 -12.10 2.36
CA VAL A 75 7.75 -11.23 3.40
C VAL A 75 6.48 -10.53 2.95
N LEU A 76 6.44 -10.13 1.69
CA LEU A 76 5.27 -9.46 1.14
C LEU A 76 4.14 -10.44 0.89
N ARG A 77 4.50 -11.68 0.57
CA ARG A 77 3.51 -12.72 0.30
C ARG A 77 2.77 -13.10 1.58
N ASP A 78 3.51 -13.62 2.56
CA ASP A 78 2.92 -14.03 3.83
C ASP A 78 2.24 -12.84 4.51
N GLY A 79 2.78 -11.64 4.30
CA GLY A 79 2.21 -10.45 4.90
C GLY A 79 2.80 -10.14 6.25
N THR A 80 4.11 -10.36 6.39
CA THR A 80 4.80 -10.09 7.65
C THR A 80 5.52 -8.75 7.61
N PRO A 81 4.91 -7.69 8.20
CA PRO A 81 5.50 -6.35 8.21
C PRO A 81 6.83 -6.30 8.95
N ARG A 82 7.92 -6.24 8.19
CA ARG A 82 9.27 -6.18 8.77
C ARG A 82 10.19 -5.35 7.90
N ARG A 83 11.00 -4.51 8.52
CA ARG A 83 11.92 -3.65 7.78
C ARG A 83 13.36 -4.16 7.88
N ASP A 84 13.80 -4.85 6.84
CA ASP A 84 15.16 -5.39 6.80
C ASP A 84 15.64 -5.48 5.35
N GLU A 85 16.42 -4.50 4.93
CA GLU A 85 16.92 -4.48 3.55
C GLU A 85 18.25 -3.75 3.46
N GLU A 86 19.08 -4.15 2.51
CA GLU A 86 20.40 -3.52 2.33
C GLU A 86 20.75 -3.37 0.87
N ILE A 87 20.44 -2.19 0.42
CA ILE A 87 20.80 -1.70 -0.89
C ILE A 87 21.47 -0.43 -0.53
N THR A 88 22.77 -0.47 -0.40
CA THR A 88 23.48 0.69 0.07
C THR A 88 24.21 1.41 -1.06
N ILE A 89 23.55 2.41 -1.64
CA ILE A 89 24.12 3.18 -2.74
C ILE A 89 25.52 3.70 -2.38
N LYS A 90 25.67 4.16 -1.14
CA LYS A 90 26.96 4.67 -0.67
C LYS A 90 27.49 3.78 0.46
N ASP A 91 26.74 3.73 1.55
CA ASP A 91 27.11 2.92 2.70
C ASP A 91 25.88 2.55 3.52
N ARG A 92 26.09 1.80 4.59
CA ARG A 92 25.00 1.38 5.46
C ARG A 92 24.00 0.49 4.72
N LEU A 93 22.93 1.08 4.17
CA LEU A 93 21.92 0.31 3.45
C LEU A 93 20.72 1.19 3.10
N LEU A 94 19.72 0.58 2.45
CA LEU A 94 18.50 1.29 2.07
C LEU A 94 17.29 0.40 2.33
N LEU A 95 16.61 0.63 3.45
CA LEU A 95 15.43 -0.15 3.77
C LEU A 95 14.18 0.62 3.42
N ILE A 96 13.44 0.11 2.44
CA ILE A 96 12.22 0.75 1.98
C ILE A 96 11.01 0.09 2.63
N ASN A 97 9.94 0.86 2.82
CA ASN A 97 8.74 0.34 3.47
C ASN A 97 7.68 -0.06 2.45
N THR A 98 7.33 -1.35 2.47
CA THR A 98 6.32 -1.89 1.57
C THR A 98 5.62 -3.07 2.24
N VAL A 99 4.44 -2.82 2.80
CA VAL A 99 3.69 -3.85 3.49
C VAL A 99 2.31 -4.05 2.86
N PRO A 100 1.78 -5.28 2.94
CA PRO A 100 0.47 -5.62 2.39
C PRO A 100 -0.61 -5.63 3.47
N VAL A 101 -1.84 -5.31 3.07
CA VAL A 101 -2.97 -5.28 4.01
C VAL A 101 -4.09 -6.20 3.54
N ARG A 102 -4.57 -7.03 4.46
CA ARG A 102 -5.65 -7.97 4.15
C ARG A 102 -6.93 -7.22 3.78
N SER A 103 -7.55 -7.62 2.68
CA SER A 103 -8.78 -6.99 2.22
C SER A 103 -9.99 -7.81 2.61
N ASN A 104 -10.16 -8.97 1.97
CA ASN A 104 -11.29 -9.84 2.27
C ASN A 104 -10.81 -11.22 2.72
N GLY A 105 -9.63 -11.26 3.33
CA GLY A 105 -9.08 -12.51 3.80
C GLY A 105 -7.79 -12.87 3.11
N VAL A 106 -7.89 -13.49 1.94
CA VAL A 106 -6.70 -13.89 1.18
C VAL A 106 -5.89 -12.67 0.74
N ILE A 107 -4.58 -12.76 0.91
CA ILE A 107 -3.69 -11.66 0.54
C ILE A 107 -3.10 -11.88 -0.85
N ILE A 108 -3.51 -11.02 -1.79
CA ILE A 108 -3.02 -11.12 -3.17
C ILE A 108 -2.29 -9.84 -3.57
N GLY A 109 -3.02 -8.73 -3.54
CA GLY A 109 -2.43 -7.45 -3.92
C GLY A 109 -1.43 -6.96 -2.89
N ALA A 110 -0.77 -5.85 -3.20
CA ALA A 110 0.22 -5.27 -2.30
C ALA A 110 0.27 -3.76 -2.44
N ILE A 111 0.31 -3.06 -1.31
CA ILE A 111 0.36 -1.60 -1.31
C ILE A 111 1.73 -1.10 -0.84
N SER A 112 2.14 0.05 -1.37
CA SER A 112 3.42 0.63 -1.00
C SER A 112 3.24 1.75 0.02
N THR A 113 4.09 1.75 1.04
CA THR A 113 4.02 2.77 2.09
C THR A 113 5.05 3.87 1.85
N PHE A 114 4.59 5.12 1.88
CA PHE A 114 5.46 6.27 1.68
C PHE A 114 5.26 7.31 2.76
N ARG A 115 6.14 7.32 3.76
CA ARG A 115 6.06 8.28 4.86
C ARG A 115 7.44 8.61 5.40
N ASP A 116 7.95 9.78 5.03
CA ASP A 116 9.27 10.23 5.48
C ASP A 116 9.20 11.63 6.04
N LYS A 117 9.66 11.80 7.28
CA LYS A 117 9.65 13.10 7.93
C LYS A 117 10.36 13.05 9.28
N THR A 118 11.05 14.13 9.63
CA THR A 118 11.76 14.20 10.90
C THR A 118 12.49 15.54 11.03
N GLY A 1 -13.96 10.04 29.75
CA GLY A 1 -14.88 9.23 28.92
C GLY A 1 -14.91 7.77 29.32
N HIS A 2 -15.99 7.34 29.96
CA HIS A 2 -16.13 5.96 30.39
C HIS A 2 -17.57 5.48 30.26
N MET A 3 -18.12 5.61 29.05
CA MET A 3 -19.49 5.19 28.79
C MET A 3 -19.53 3.93 27.93
N GLY A 4 -20.73 3.54 27.51
CA GLY A 4 -20.87 2.36 26.68
C GLY A 4 -21.68 2.61 25.44
N LEU A 5 -21.59 3.83 24.91
CA LEU A 5 -22.32 4.19 23.70
C LEU A 5 -21.37 4.48 22.55
N GLU A 6 -20.12 4.03 22.67
CA GLU A 6 -19.12 4.25 21.64
C GLU A 6 -19.31 3.28 20.46
N PRO A 7 -19.18 1.96 20.71
CA PRO A 7 -19.34 0.95 19.66
C PRO A 7 -20.73 0.97 19.03
N TYR A 8 -21.71 1.39 19.81
CA TYR A 8 -23.09 1.47 19.34
C TYR A 8 -23.22 2.46 18.20
N GLU A 9 -22.40 3.51 18.23
CA GLU A 9 -22.42 4.54 17.20
C GLU A 9 -21.61 4.11 15.98
N ILE A 10 -20.58 3.31 16.22
CA ILE A 10 -19.72 2.83 15.14
C ILE A 10 -20.52 2.02 14.12
N SER A 11 -21.14 0.93 14.58
CA SER A 11 -21.93 0.08 13.70
C SER A 11 -21.05 -0.57 12.64
N THR A 12 -20.93 -1.88 12.69
CA THR A 12 -20.12 -2.62 11.73
C THR A 12 -20.85 -2.77 10.40
N LEU A 13 -22.17 -2.87 10.46
CA LEU A 13 -22.99 -3.03 9.26
C LEU A 13 -22.79 -1.86 8.31
N PHE A 14 -22.63 -0.66 8.87
CA PHE A 14 -22.43 0.54 8.07
C PHE A 14 -20.97 0.66 7.62
N GLU A 15 -20.06 0.14 8.43
CA GLU A 15 -18.63 0.20 8.12
C GLU A 15 -18.27 -0.84 7.05
N GLN A 16 -18.69 -2.08 7.27
CA GLN A 16 -18.41 -3.16 6.33
C GLN A 16 -18.98 -2.85 4.94
N ARG A 17 -20.09 -2.13 4.93
CA ARG A 17 -20.73 -1.76 3.67
C ARG A 17 -19.89 -0.76 2.89
N GLN A 18 -19.49 0.32 3.56
CA GLN A 18 -18.68 1.36 2.93
C GLN A 18 -17.27 0.85 2.64
N ALA A 19 -16.81 -0.08 3.46
CA ALA A 19 -15.47 -0.65 3.30
C ALA A 19 -15.31 -1.29 1.91
N MET A 20 -16.17 -2.26 1.61
CA MET A 20 -16.11 -2.96 0.33
C MET A 20 -16.49 -2.02 -0.81
N LEU A 21 -17.65 -1.36 -0.68
CA LEU A 21 -18.12 -0.44 -1.71
C LEU A 21 -17.15 0.72 -1.89
N GLN A 22 -17.07 1.59 -0.88
CA GLN A 22 -16.19 2.75 -0.94
C GLN A 22 -14.73 2.32 -0.90
N SER A 23 -14.32 1.71 0.21
CA SER A 23 -12.94 1.25 0.36
C SER A 23 -11.97 2.43 0.33
N ILE A 24 -10.78 2.22 0.85
CA ILE A 24 -9.76 3.26 0.89
C ILE A 24 -9.12 3.45 -0.48
N LYS A 25 -8.98 4.71 -0.89
CA LYS A 25 -8.38 5.04 -2.19
C LYS A 25 -7.18 5.95 -2.00
N GLU A 26 -6.50 5.81 -0.87
CA GLU A 26 -5.32 6.62 -0.57
C GLU A 26 -4.24 6.43 -1.63
N GLY A 27 -4.18 7.35 -2.59
CA GLY A 27 -3.19 7.27 -3.64
C GLY A 27 -3.34 6.02 -4.47
N VAL A 28 -2.88 6.08 -5.72
CA VAL A 28 -2.96 4.94 -6.62
C VAL A 28 -1.60 4.60 -7.20
N VAL A 29 -0.95 3.59 -6.63
CA VAL A 29 0.37 3.16 -7.09
C VAL A 29 0.56 1.67 -6.88
N ALA A 30 0.41 0.90 -7.95
CA ALA A 30 0.56 -0.55 -7.89
C ALA A 30 1.90 -0.98 -8.50
N VAL A 31 2.45 -2.06 -7.97
CA VAL A 31 3.73 -2.59 -8.46
C VAL A 31 3.54 -3.94 -9.15
N ASP A 32 3.50 -3.93 -10.48
CA ASP A 32 3.32 -5.15 -11.25
C ASP A 32 4.57 -6.02 -11.17
N ASP A 33 4.75 -6.69 -10.04
CA ASP A 33 5.90 -7.56 -9.84
C ASP A 33 7.20 -6.77 -9.95
N ARG A 34 7.87 -6.57 -8.81
CA ARG A 34 9.13 -5.84 -8.77
C ARG A 34 8.94 -4.42 -9.30
N GLY A 35 7.74 -3.87 -9.10
CA GLY A 35 7.45 -2.52 -9.56
C GLY A 35 7.55 -2.40 -11.06
N GLU A 36 6.85 -1.40 -11.61
CA GLU A 36 6.86 -1.16 -13.05
C GLU A 36 7.78 -0.01 -13.42
N VAL A 37 8.39 0.63 -12.41
CA VAL A 37 9.29 1.75 -12.63
C VAL A 37 8.77 2.71 -13.70
N THR A 38 7.45 2.83 -13.79
CA THR A 38 6.82 3.71 -14.77
C THR A 38 5.30 3.64 -14.67
N LEU A 39 4.79 3.79 -13.45
CA LEU A 39 3.35 3.74 -13.21
C LEU A 39 2.93 4.77 -12.16
N ILE A 40 2.19 5.78 -12.59
CA ILE A 40 1.73 6.83 -11.69
C ILE A 40 0.39 7.41 -12.15
N ASN A 41 -0.63 7.29 -11.31
CA ASN A 41 -1.95 7.79 -11.63
C ASN A 41 -2.02 9.31 -11.44
N ASP A 42 -3.21 9.87 -11.62
CA ASP A 42 -3.41 11.31 -11.48
C ASP A 42 -3.18 11.75 -10.03
N ALA A 43 -3.91 11.11 -9.11
CA ALA A 43 -3.78 11.43 -7.69
C ALA A 43 -2.33 11.30 -7.22
N ALA A 44 -1.58 10.42 -7.88
CA ALA A 44 -0.19 10.19 -7.52
C ALA A 44 0.70 11.33 -8.04
N GLN A 45 0.35 11.86 -9.20
CA GLN A 45 1.10 12.95 -9.80
C GLN A 45 0.76 14.28 -9.14
N GLU A 46 -0.52 14.50 -8.89
CA GLU A 46 -0.98 15.72 -8.26
C GLU A 46 -0.31 15.95 -6.91
N LEU A 47 0.13 14.85 -6.29
CA LEU A 47 0.78 14.92 -4.99
C LEU A 47 2.00 15.85 -5.04
N LEU A 48 3.02 15.43 -5.78
CA LEU A 48 4.24 16.23 -5.92
C LEU A 48 4.04 17.35 -6.94
N ASN A 49 3.81 16.97 -8.19
CA ASN A 49 3.60 17.95 -9.25
C ASN A 49 3.03 17.29 -10.51
N TYR A 50 2.49 18.11 -11.41
CA TYR A 50 1.90 17.62 -12.64
C TYR A 50 2.69 18.11 -13.85
N ARG A 51 3.31 17.16 -14.57
CA ARG A 51 4.10 17.50 -15.74
C ARG A 51 4.16 16.32 -16.72
N LYS A 52 3.18 15.44 -16.64
CA LYS A 52 3.13 14.27 -17.52
C LYS A 52 4.26 13.30 -17.21
N SER A 53 4.64 12.48 -18.19
CA SER A 53 5.71 11.50 -18.02
C SER A 53 6.92 12.10 -17.31
N GLN A 54 7.14 13.40 -17.48
CA GLN A 54 8.26 14.08 -16.84
C GLN A 54 8.30 13.78 -15.34
N ASP A 55 7.13 13.54 -14.76
CA ASP A 55 7.04 13.24 -13.34
C ASP A 55 7.34 11.76 -13.08
N ASP A 56 6.59 10.89 -13.74
CA ASP A 56 6.76 9.44 -13.59
C ASP A 56 6.90 9.04 -12.12
N GLU A 57 7.25 7.78 -11.89
CA GLU A 57 7.41 7.28 -10.53
C GLU A 57 8.68 7.84 -9.88
N LYS A 58 8.77 7.71 -8.56
CA LYS A 58 9.92 8.21 -7.82
C LYS A 58 11.13 7.30 -8.03
N LEU A 59 11.14 6.17 -7.32
CA LEU A 59 12.25 5.22 -7.42
C LEU A 59 11.98 3.99 -6.56
N SER A 60 11.54 2.90 -7.18
CA SER A 60 11.25 1.67 -6.47
C SER A 60 12.51 1.10 -5.83
N THR A 61 12.34 0.07 -5.01
CA THR A 61 13.46 -0.57 -4.33
C THR A 61 14.13 0.39 -3.35
N LEU A 62 14.25 -0.05 -2.10
CA LEU A 62 14.87 0.77 -1.06
C LEU A 62 15.65 -0.11 -0.08
N SER A 63 16.73 -0.72 -0.56
CA SER A 63 17.55 -1.58 0.26
C SER A 63 18.56 -0.77 1.07
N HIS A 64 19.18 -1.40 2.06
CA HIS A 64 20.17 -0.74 2.90
C HIS A 64 20.96 -1.76 3.71
N SER A 65 22.17 -2.05 3.28
CA SER A 65 23.03 -3.01 3.96
C SER A 65 22.40 -4.40 3.96
N TRP A 66 23.11 -5.38 4.53
CA TRP A 66 22.63 -6.74 4.59
C TRP A 66 22.12 -7.09 5.99
N SER A 67 21.02 -7.82 6.06
CA SER A 67 20.44 -8.22 7.34
C SER A 67 19.55 -9.45 7.17
N GLN A 68 18.48 -9.30 6.41
CA GLN A 68 17.55 -10.40 6.18
C GLN A 68 16.46 -9.98 5.19
N VAL A 69 16.87 -9.35 4.10
CA VAL A 69 15.93 -8.90 3.07
C VAL A 69 15.29 -10.07 2.35
N VAL A 70 16.04 -11.18 2.27
CA VAL A 70 15.56 -12.38 1.59
C VAL A 70 14.27 -12.89 2.25
N ASP A 71 14.18 -12.74 3.57
CA ASP A 71 13.01 -13.19 4.31
C ASP A 71 11.78 -12.36 3.94
N VAL A 72 12.00 -11.09 3.62
CA VAL A 72 10.91 -10.20 3.24
C VAL A 72 10.46 -10.44 1.81
N SER A 73 11.39 -10.86 0.97
CA SER A 73 11.09 -11.14 -0.44
C SER A 73 10.29 -12.43 -0.58
N GLU A 74 10.54 -13.38 0.32
CA GLU A 74 9.86 -14.66 0.29
C GLU A 74 8.35 -14.48 0.38
N VAL A 75 7.89 -13.77 1.41
CA VAL A 75 6.47 -13.52 1.60
C VAL A 75 5.86 -12.82 0.39
N LEU A 76 6.56 -11.82 -0.12
CA LEU A 76 6.08 -11.07 -1.28
C LEU A 76 6.05 -11.96 -2.52
N ARG A 77 7.13 -12.70 -2.75
CA ARG A 77 7.22 -13.59 -3.89
C ARG A 77 6.14 -14.66 -3.84
N ASP A 78 6.03 -15.33 -2.70
CA ASP A 78 5.03 -16.38 -2.53
C ASP A 78 3.64 -15.78 -2.36
N GLY A 79 3.43 -15.06 -1.27
CA GLY A 79 2.15 -14.45 -1.01
C GLY A 79 1.88 -14.27 0.47
N THR A 80 0.71 -14.71 0.91
CA THR A 80 0.32 -14.59 2.30
C THR A 80 0.32 -13.13 2.75
N PRO A 81 -0.88 -12.55 2.96
CA PRO A 81 -1.02 -11.14 3.38
C PRO A 81 -0.44 -10.90 4.78
N ARG A 82 0.89 -10.96 4.88
CA ARG A 82 1.57 -10.73 6.15
C ARG A 82 2.86 -9.97 5.94
N ARG A 83 2.82 -8.66 6.17
CA ARG A 83 3.99 -7.81 6.01
C ARG A 83 3.93 -6.61 6.95
N ASP A 84 5.08 -6.23 7.49
CA ASP A 84 5.15 -5.08 8.38
C ASP A 84 5.67 -3.85 7.65
N GLU A 85 5.25 -2.69 8.12
CA GLU A 85 5.67 -1.44 7.51
C GLU A 85 6.81 -0.80 8.29
N GLU A 86 8.03 -0.99 7.79
CA GLU A 86 9.21 -0.42 8.45
C GLU A 86 10.29 -0.11 7.46
N ILE A 87 10.29 1.14 7.08
CA ILE A 87 11.32 1.70 6.26
C ILE A 87 11.77 2.83 7.12
N THR A 88 12.79 2.58 7.91
CA THR A 88 13.23 3.56 8.85
C THR A 88 14.60 4.12 8.49
N ILE A 89 14.60 5.29 7.87
CA ILE A 89 15.84 5.93 7.46
C ILE A 89 16.52 6.65 8.62
N LYS A 90 17.67 6.12 9.03
CA LYS A 90 18.44 6.69 10.13
C LYS A 90 17.61 6.77 11.41
N ASP A 91 16.86 7.87 11.57
CA ASP A 91 16.03 8.05 12.76
C ASP A 91 14.61 8.47 12.40
N ARG A 92 14.46 9.18 11.28
CA ARG A 92 13.15 9.63 10.83
C ARG A 92 12.10 8.55 10.97
N LEU A 93 12.47 7.32 10.63
CA LEU A 93 11.57 6.18 10.71
C LEU A 93 10.36 6.35 9.80
N LEU A 94 10.08 5.34 8.98
CA LEU A 94 8.94 5.38 8.06
C LEU A 94 8.25 4.03 8.02
N LEU A 95 6.95 4.04 7.76
CA LEU A 95 6.18 2.80 7.69
C LEU A 95 5.30 2.77 6.44
N ILE A 96 5.70 1.95 5.48
CA ILE A 96 4.96 1.82 4.23
C ILE A 96 4.33 0.42 4.12
N ASN A 97 3.20 0.34 3.43
CA ASN A 97 2.50 -0.92 3.26
C ASN A 97 2.80 -1.54 1.91
N THR A 98 3.21 -2.82 1.92
CA THR A 98 3.52 -3.54 0.70
C THR A 98 3.18 -5.02 0.84
N VAL A 99 2.04 -5.42 0.29
CA VAL A 99 1.60 -6.81 0.36
C VAL A 99 0.92 -7.24 -0.94
N PRO A 100 1.00 -8.53 -1.29
CA PRO A 100 0.40 -9.08 -2.49
C PRO A 100 -0.94 -9.75 -2.21
N VAL A 101 -2.03 -9.04 -2.50
CA VAL A 101 -3.37 -9.58 -2.27
C VAL A 101 -4.33 -9.14 -3.38
N ARG A 102 -5.41 -9.88 -3.55
CA ARG A 102 -6.40 -9.58 -4.57
C ARG A 102 -7.66 -10.42 -4.38
N SER A 103 -8.64 -10.21 -5.25
CA SER A 103 -9.91 -10.95 -5.18
C SER A 103 -9.73 -12.38 -5.69
N ASN A 104 -8.56 -12.68 -6.26
CA ASN A 104 -8.29 -14.01 -6.78
C ASN A 104 -7.34 -14.77 -5.87
N GLY A 105 -7.50 -16.09 -5.83
CA GLY A 105 -6.65 -16.92 -4.99
C GLY A 105 -5.34 -17.28 -5.67
N VAL A 106 -4.61 -16.28 -6.12
CA VAL A 106 -3.32 -16.49 -6.79
C VAL A 106 -2.34 -15.36 -6.49
N ILE A 107 -1.06 -15.63 -6.74
CA ILE A 107 -0.03 -14.63 -6.51
C ILE A 107 0.38 -13.94 -7.81
N ILE A 108 -0.36 -12.90 -8.17
CA ILE A 108 -0.07 -12.15 -9.39
C ILE A 108 0.06 -10.66 -9.10
N GLY A 109 1.18 -10.07 -9.51
CA GLY A 109 1.41 -8.66 -9.29
C GLY A 109 1.46 -8.31 -7.82
N ALA A 110 1.64 -7.02 -7.52
CA ALA A 110 1.70 -6.56 -6.15
C ALA A 110 1.15 -5.14 -6.02
N ILE A 111 0.59 -4.84 -4.85
CA ILE A 111 0.02 -3.52 -4.60
C ILE A 111 0.76 -2.80 -3.47
N SER A 112 1.15 -1.56 -3.73
CA SER A 112 1.88 -0.77 -2.74
C SER A 112 1.03 0.41 -2.26
N THR A 113 1.03 0.64 -0.96
CA THR A 113 0.26 1.74 -0.37
C THR A 113 1.18 2.87 0.09
N PHE A 114 0.91 4.08 -0.39
CA PHE A 114 1.70 5.24 -0.03
C PHE A 114 0.96 6.14 0.95
N ARG A 115 1.70 6.75 1.86
CA ARG A 115 1.10 7.64 2.87
C ARG A 115 2.09 8.74 3.26
N ASP A 116 1.62 9.99 3.20
CA ASP A 116 2.45 11.13 3.55
C ASP A 116 1.62 12.23 4.20
N LYS A 117 2.22 12.94 5.14
CA LYS A 117 1.54 14.03 5.84
C LYS A 117 0.30 13.52 6.55
N THR A 118 0.33 12.25 6.96
CA THR A 118 -0.80 11.64 7.67
C THR A 118 -0.52 10.17 8.00
#